data_1F9G
#
_entry.id   1F9G
#
_cell.length_a   84.264
_cell.length_b   102.666
_cell.length_c   103.253
_cell.angle_alpha   90.00
_cell.angle_beta   90.00
_cell.angle_gamma   90.00
#
_symmetry.space_group_name_H-M   'P 21 21 21'
#
loop_
_entity.id
_entity.type
_entity.pdbx_description
1 polymer 'HYALURONATE LYASE'
2 non-polymer 'ASCORBIC ACID'
3 water water
#
_entity_poly.entity_id   1
_entity_poly.type   'polypeptide(L)'
_entity_poly.pdbx_seq_one_letter_code
;ASVKDTYTDRLDDWNGIIAGNQYYDSKNDQMAKLNQELEGKVADSLSSISSQADRIYLWEKFSNYKTSANLTATYRKLEE
MAKQVTNPSSRYYQDETVVRTVRDSMEWMHKHVYNSEKSIVGNWWDYEIGTPRAINNTLSLMKEYFSDEEIKKYTDVIEK
FVPDPEHFRKTTDNPFKALGGNLVDMGRVKVIAGLLRKDDQEISSTIRSIEQVFKLVDQGEGFYQDGSYIDHTNVAYTGA
YGNVLIDGLSQLLPVIQKTKNPIDKDKMQTMYHWIDKSFAPLLVNGELMDMSRGRSISRANSEGHVAAVEVLRGIHRIAD
MSEGETKQRLQSLVKTIVQSDSYYDVFKNLKTYKDISLMQSLLSDAGVASVPRTSYLSAFNKMDKTAMYNAEKGFGFGLS
LFSSRTLNYEHMNKENKRGWYTSDGMFYLYNGDLSHYSDGYWPTVNPYKMPGTTETDAKRADSDTGKVLPSAFVGTSKLD
DANATATMDFTNWNQTLTAHKSWFMLKDKIAFLGSNIQNTSTDTAATTIDQRKLESSNPYKVYVNDKEASLTEQEKDYPE
TQSVFLESSDSKKNIGYFFFKKSSISMSKALQKGAWKDINEGQSDKEVENEFLTISQAHKQNGDSYGYMLIPNVDRATFN
QMIKELESSLIENNETLQSVYDAKQGVWGIVKYDDSVSTISNQFQVLKRGVYTIRKEGDEYKIAYYNPETQESAPDQEVF
KKLEQHHHHHH
;
_entity_poly.pdbx_strand_id   A
#
# COMPACT_ATOMS: atom_id res chain seq x y z
N VAL A 3 2.67 41.32 -3.97
CA VAL A 3 2.30 42.31 -2.92
C VAL A 3 0.79 42.61 -2.97
N LYS A 4 0.00 41.62 -2.58
CA LYS A 4 -1.45 41.73 -2.57
C LYS A 4 -2.03 41.88 -3.97
N ASP A 5 -1.89 40.84 -4.78
CA ASP A 5 -2.39 40.83 -6.15
C ASP A 5 -3.23 39.56 -6.36
N THR A 6 -3.15 38.97 -7.54
CA THR A 6 -3.92 37.76 -7.83
C THR A 6 -3.17 36.51 -7.39
N TYR A 7 -1.86 36.64 -7.22
CA TYR A 7 -1.03 35.52 -6.80
C TYR A 7 -1.25 35.29 -5.32
N THR A 8 -1.38 36.37 -4.56
CA THR A 8 -1.60 36.29 -3.12
C THR A 8 -2.96 35.66 -2.89
N ASP A 9 -3.88 35.88 -3.83
CA ASP A 9 -5.23 35.33 -3.75
C ASP A 9 -5.14 33.82 -3.81
N ARG A 10 -4.34 33.32 -4.75
CA ARG A 10 -4.17 31.89 -4.91
C ARG A 10 -3.38 31.32 -3.74
N LEU A 11 -2.39 32.07 -3.27
CA LEU A 11 -1.57 31.65 -2.15
C LEU A 11 -2.43 31.59 -0.88
N ASP A 12 -3.45 32.45 -0.81
CA ASP A 12 -4.36 32.45 0.33
C ASP A 12 -5.13 31.14 0.34
N ASP A 13 -5.55 30.70 -0.84
CA ASP A 13 -6.28 29.45 -0.99
C ASP A 13 -5.37 28.30 -0.60
N TRP A 14 -4.12 28.37 -1.02
CA TRP A 14 -3.17 27.33 -0.70
C TRP A 14 -3.07 27.24 0.82
N ASN A 15 -2.88 28.39 1.46
CA ASN A 15 -2.76 28.44 2.92
C ASN A 15 -3.94 27.79 3.63
N GLY A 16 -5.14 28.01 3.08
CA GLY A 16 -6.34 27.43 3.67
C GLY A 16 -6.36 25.93 3.51
N ILE A 17 -5.59 25.44 2.54
CA ILE A 17 -5.51 24.02 2.27
C ILE A 17 -4.44 23.31 3.09
N ILE A 18 -3.25 23.89 3.14
CA ILE A 18 -2.13 23.28 3.85
C ILE A 18 -2.12 23.51 5.35
N ALA A 19 -2.81 24.55 5.81
CA ALA A 19 -2.88 24.85 7.23
C ALA A 19 -4.36 24.95 7.62
N GLY A 20 -5.08 25.84 6.94
CA GLY A 20 -6.50 26.04 7.18
C GLY A 20 -6.80 26.74 8.49
N ASN A 21 -5.97 27.72 8.84
CA ASN A 21 -6.15 28.46 10.08
C ASN A 21 -7.50 29.19 10.15
N GLN A 22 -8.07 29.51 9.00
CA GLN A 22 -9.35 30.20 8.97
C GLN A 22 -10.51 29.30 9.37
N TYR A 23 -10.29 27.99 9.43
CA TYR A 23 -11.36 27.06 9.79
C TYR A 23 -11.25 26.64 11.25
N TYR A 24 -10.19 27.09 11.91
CA TYR A 24 -9.99 26.71 13.31
C TYR A 24 -11.11 27.17 14.25
N ASP A 25 -11.46 26.27 15.15
CA ASP A 25 -12.50 26.53 16.14
C ASP A 25 -12.00 25.88 17.41
N SER A 26 -11.71 26.70 18.42
CA SER A 26 -11.20 26.18 19.69
C SER A 26 -12.20 25.28 20.41
N LYS A 27 -13.49 25.43 20.09
CA LYS A 27 -14.51 24.61 20.72
C LYS A 27 -14.67 23.31 19.95
N ASN A 28 -13.75 23.08 19.02
CA ASN A 28 -13.75 21.88 18.19
C ASN A 28 -12.73 20.88 18.75
N ASP A 29 -13.25 19.85 19.40
CA ASP A 29 -12.44 18.79 19.99
C ASP A 29 -11.23 18.34 19.15
N GLN A 30 -11.48 17.90 17.93
CA GLN A 30 -10.44 17.41 17.02
C GLN A 30 -9.45 18.47 16.57
N MET A 31 -9.95 19.67 16.29
CA MET A 31 -9.08 20.76 15.86
C MET A 31 -8.16 21.21 16.99
N ALA A 32 -8.72 21.34 18.18
CA ALA A 32 -7.95 21.76 19.34
C ALA A 32 -6.84 20.78 19.61
N LYS A 33 -7.12 19.51 19.32
CA LYS A 33 -6.13 18.45 19.53
C LYS A 33 -4.92 18.65 18.61
N LEU A 34 -5.18 18.88 17.33
CA LEU A 34 -4.12 19.07 16.34
C LEU A 34 -3.35 20.34 16.65
N ASN A 35 -4.06 21.36 17.14
CA ASN A 35 -3.42 22.63 17.48
C ASN A 35 -2.49 22.40 18.67
N GLN A 36 -2.90 21.52 19.56
CA GLN A 36 -2.09 21.21 20.73
C GLN A 36 -0.78 20.54 20.27
N GLU A 37 -0.87 19.74 19.21
CA GLU A 37 0.28 19.04 18.67
C GLU A 37 1.28 20.00 18.00
N LEU A 38 0.75 20.96 17.24
CA LEU A 38 1.60 21.92 16.55
C LEU A 38 2.27 22.87 17.54
N GLU A 39 1.54 23.29 18.57
CA GLU A 39 2.09 24.19 19.58
C GLU A 39 3.27 23.53 20.28
N GLY A 40 3.10 22.26 20.61
CA GLY A 40 4.16 21.51 21.27
C GLY A 40 5.38 21.32 20.40
N LYS A 41 5.16 21.20 19.09
CA LYS A 41 6.26 21.04 18.14
C LYS A 41 7.08 22.31 18.10
N VAL A 42 6.40 23.45 17.96
CA VAL A 42 7.03 24.77 17.88
C VAL A 42 7.77 25.12 19.17
N ALA A 43 7.24 24.69 20.31
CA ALA A 43 7.86 24.96 21.59
C ALA A 43 9.19 24.22 21.67
N ASP A 44 9.18 22.95 21.27
CA ASP A 44 10.38 22.11 21.31
C ASP A 44 11.47 22.59 20.36
N SER A 45 11.07 23.16 19.23
CA SER A 45 11.99 23.68 18.24
C SER A 45 12.59 24.98 18.74
N LEU A 46 11.78 25.75 19.46
CA LEU A 46 12.21 27.03 20.00
C LEU A 46 13.12 26.88 21.21
N SER A 47 12.92 25.85 22.01
CA SER A 47 13.75 25.69 23.19
C SER A 47 15.01 24.89 22.92
N SER A 48 15.18 24.40 21.69
CA SER A 48 16.36 23.63 21.36
C SER A 48 17.14 24.21 20.19
N ILE A 49 16.61 25.26 19.58
CA ILE A 49 17.29 25.89 18.46
C ILE A 49 18.58 26.51 19.00
N SER A 50 19.59 26.62 18.14
CA SER A 50 20.87 27.20 18.51
C SER A 50 20.78 28.72 18.51
N SER A 51 21.08 29.33 19.64
CA SER A 51 20.99 30.78 19.78
C SER A 51 22.34 31.43 20.10
N GLN A 52 23.43 30.77 19.71
CA GLN A 52 24.77 31.32 19.97
C GLN A 52 25.33 31.98 18.72
N ALA A 53 26.49 32.61 18.86
CA ALA A 53 27.15 33.28 17.74
C ALA A 53 27.58 32.22 16.73
N ASP A 54 27.64 32.63 15.46
CA ASP A 54 28.04 31.75 14.35
C ASP A 54 27.86 30.25 14.63
N ARG A 55 26.61 29.81 14.73
CA ARG A 55 26.34 28.40 14.98
C ARG A 55 26.65 27.58 13.75
N ILE A 56 26.82 26.27 13.96
CA ILE A 56 27.12 25.35 12.87
C ILE A 56 25.94 24.43 12.51
N TYR A 57 24.78 24.70 13.13
CA TYR A 57 23.58 23.91 12.92
C TYR A 57 22.42 24.66 13.58
N LEU A 58 21.24 24.58 13.01
CA LEU A 58 20.09 25.23 13.62
C LEU A 58 19.60 24.29 14.70
N TRP A 59 19.47 23.02 14.35
CA TRP A 59 19.07 22.00 15.32
C TRP A 59 20.09 20.88 15.24
N GLU A 60 20.57 20.46 16.41
CA GLU A 60 21.57 19.41 16.51
C GLU A 60 21.10 18.04 16.00
N LYS A 61 19.84 17.69 16.23
CA LYS A 61 19.31 16.41 15.77
C LYS A 61 19.39 16.34 14.25
N PHE A 62 19.56 17.50 13.62
CA PHE A 62 19.66 17.64 12.17
C PHE A 62 20.79 18.61 11.87
N SER A 63 21.96 18.27 12.39
CA SER A 63 23.17 19.08 12.24
C SER A 63 24.03 18.59 11.09
N ASN A 64 24.02 17.27 10.89
CA ASN A 64 24.78 16.66 9.82
C ASN A 64 24.18 16.96 8.46
N TYR A 65 24.51 18.13 7.92
CA TYR A 65 23.99 18.57 6.63
C TYR A 65 24.58 17.81 5.43
N LYS A 66 25.20 16.68 5.73
CA LYS A 66 25.79 15.80 4.72
C LYS A 66 24.74 14.73 4.45
N THR A 67 23.84 14.54 5.43
CA THR A 67 22.74 13.60 5.31
C THR A 67 21.57 14.43 4.81
N SER A 68 21.13 14.14 3.59
CA SER A 68 20.05 14.89 2.93
C SER A 68 18.81 15.16 3.79
N ALA A 69 18.40 14.18 4.59
CA ALA A 69 17.23 14.31 5.45
C ALA A 69 17.27 15.53 6.40
N ASN A 70 18.42 15.77 7.02
CA ASN A 70 18.58 16.90 7.94
C ASN A 70 18.24 18.24 7.29
N LEU A 71 18.18 18.25 5.96
CA LEU A 71 17.86 19.48 5.25
C LEU A 71 16.37 19.80 5.26
N THR A 72 15.54 18.85 4.89
CA THR A 72 14.11 19.11 4.87
C THR A 72 13.46 18.94 6.24
N ALA A 73 14.13 18.27 7.15
CA ALA A 73 13.59 18.10 8.49
C ALA A 73 13.78 19.43 9.20
N THR A 74 14.81 20.17 8.78
CA THR A 74 15.10 21.47 9.37
C THR A 74 14.10 22.50 8.87
N TYR A 75 13.79 22.47 7.58
CA TYR A 75 12.84 23.42 7.02
C TYR A 75 11.40 23.10 7.45
N ARG A 76 11.13 21.82 7.67
CA ARG A 76 9.82 21.34 8.11
C ARG A 76 9.50 22.03 9.45
N LYS A 77 10.54 22.30 10.22
CA LYS A 77 10.39 22.95 11.52
C LYS A 77 10.01 24.42 11.38
N LEU A 78 10.48 25.07 10.32
CA LEU A 78 10.17 26.49 10.10
C LEU A 78 8.74 26.61 9.57
N GLU A 79 8.27 25.56 8.92
CA GLU A 79 6.92 25.52 8.36
C GLU A 79 5.91 25.43 9.50
N GLU A 80 6.20 24.58 10.48
CA GLU A 80 5.34 24.41 11.65
C GLU A 80 5.23 25.76 12.38
N MET A 81 6.32 26.52 12.37
CA MET A 81 6.34 27.84 13.02
C MET A 81 5.49 28.83 12.22
N ALA A 82 5.54 28.70 10.89
CA ALA A 82 4.78 29.58 10.02
C ALA A 82 3.29 29.36 10.20
N LYS A 83 2.92 28.11 10.50
CA LYS A 83 1.52 27.77 10.69
C LYS A 83 0.96 28.38 11.98
N GLN A 84 1.70 28.26 13.09
CA GLN A 84 1.26 28.79 14.38
C GLN A 84 1.30 30.31 14.49
N VAL A 85 2.29 30.92 13.86
CA VAL A 85 2.44 32.38 13.89
C VAL A 85 1.29 33.10 13.19
N THR A 86 0.61 32.39 12.31
CA THR A 86 -0.51 32.97 11.56
C THR A 86 -1.86 32.47 12.09
N ASN A 87 -1.84 31.68 13.16
CA ASN A 87 -3.06 31.12 13.78
C ASN A 87 -3.47 31.98 14.99
N PRO A 88 -4.54 32.77 14.85
CA PRO A 88 -5.04 33.64 15.93
C PRO A 88 -5.22 32.98 17.29
N SER A 89 -5.46 31.67 17.29
CA SER A 89 -5.67 30.93 18.53
C SER A 89 -4.41 30.30 19.09
N SER A 90 -3.28 30.47 18.41
CA SER A 90 -2.02 29.92 18.88
C SER A 90 -1.35 30.89 19.86
N ARG A 91 -0.59 30.36 20.80
CA ARG A 91 0.11 31.21 21.75
C ARG A 91 1.27 31.90 21.03
N TYR A 92 1.51 31.50 19.78
CA TYR A 92 2.59 32.10 19.00
C TYR A 92 2.07 33.03 17.91
N TYR A 93 0.81 33.42 18.01
CA TYR A 93 0.23 34.29 17.01
C TYR A 93 0.96 35.62 17.00
N GLN A 94 1.52 35.98 15.85
CA GLN A 94 2.24 37.24 15.67
C GLN A 94 3.37 37.50 16.70
N ASP A 95 3.89 36.43 17.29
CA ASP A 95 4.96 36.52 18.27
C ASP A 95 6.24 37.00 17.57
N GLU A 96 6.86 38.04 18.12
CA GLU A 96 8.06 38.62 17.53
C GLU A 96 9.26 37.69 17.44
N THR A 97 9.44 36.83 18.43
CA THR A 97 10.56 35.89 18.40
C THR A 97 10.34 34.85 17.30
N VAL A 98 9.10 34.39 17.13
CA VAL A 98 8.81 33.39 16.10
C VAL A 98 8.97 34.02 14.70
N VAL A 99 8.42 35.22 14.52
CA VAL A 99 8.52 35.91 13.24
C VAL A 99 9.99 36.13 12.90
N ARG A 100 10.78 36.63 13.85
CA ARG A 100 12.20 36.86 13.60
C ARG A 100 12.98 35.56 13.42
N THR A 101 12.66 34.54 14.22
CA THR A 101 13.34 33.26 14.11
C THR A 101 13.21 32.73 12.68
N VAL A 102 11.99 32.64 12.19
CA VAL A 102 11.75 32.11 10.84
C VAL A 102 12.54 32.91 9.81
N ARG A 103 12.33 34.21 9.78
CA ARG A 103 13.04 35.08 8.84
C ARG A 103 14.56 34.92 8.99
N ASP A 104 15.03 34.92 10.23
CA ASP A 104 16.44 34.78 10.51
C ASP A 104 16.95 33.41 10.09
N SER A 105 16.13 32.38 10.32
CA SER A 105 16.53 31.03 9.99
C SER A 105 16.56 30.78 8.48
N MET A 106 15.73 31.49 7.73
CA MET A 106 15.70 31.33 6.28
C MET A 106 17.06 31.77 5.76
N GLU A 107 17.55 32.89 6.28
CA GLU A 107 18.84 33.43 5.88
C GLU A 107 19.99 32.47 6.16
N TRP A 108 20.15 32.08 7.42
CA TRP A 108 21.22 31.16 7.78
C TRP A 108 21.29 29.94 6.88
N MET A 109 20.19 29.19 6.75
CA MET A 109 20.15 28.00 5.91
C MET A 109 20.54 28.35 4.48
N HIS A 110 20.04 29.50 4.04
CA HIS A 110 20.31 30.00 2.69
C HIS A 110 21.79 30.28 2.46
N LYS A 111 22.40 31.01 3.39
CA LYS A 111 23.80 31.39 3.30
C LYS A 111 24.80 30.25 3.49
N HIS A 112 24.49 29.30 4.37
CA HIS A 112 25.43 28.22 4.66
C HIS A 112 25.02 26.79 4.33
N VAL A 113 23.78 26.54 3.93
CA VAL A 113 23.41 25.16 3.67
C VAL A 113 22.68 24.83 2.39
N TYR A 114 21.79 25.71 1.94
CA TYR A 114 21.01 25.42 0.75
C TYR A 114 20.80 26.66 -0.11
N ASN A 115 21.61 26.78 -1.15
CA ASN A 115 21.53 27.91 -2.07
C ASN A 115 21.87 27.44 -3.47
N SER A 116 21.84 28.37 -4.43
CA SER A 116 22.14 28.07 -5.83
C SER A 116 23.54 27.49 -6.08
N GLU A 117 24.55 28.08 -5.45
CA GLU A 117 25.91 27.60 -5.63
C GLU A 117 26.18 26.27 -4.94
N LYS A 118 25.12 25.52 -4.65
CA LYS A 118 25.27 24.22 -4.00
C LYS A 118 24.92 23.08 -4.94
N SER A 119 25.31 21.87 -4.55
CA SER A 119 25.03 20.70 -5.37
C SER A 119 24.45 19.59 -4.50
N ILE A 120 23.63 18.74 -5.11
CA ILE A 120 23.01 17.63 -4.38
C ILE A 120 24.02 16.79 -3.63
N VAL A 121 23.72 16.50 -2.36
CA VAL A 121 24.58 15.69 -1.50
C VAL A 121 23.67 14.83 -0.63
N GLY A 122 23.58 13.55 -0.97
CA GLY A 122 22.70 12.64 -0.26
C GLY A 122 21.59 12.34 -1.24
N ASN A 123 20.34 12.23 -0.77
CA ASN A 123 19.25 11.96 -1.70
C ASN A 123 18.86 13.22 -2.45
N TRP A 124 18.54 13.06 -3.73
CA TRP A 124 18.14 14.19 -4.57
C TRP A 124 16.76 14.68 -4.13
N TRP A 125 15.95 13.75 -3.62
CA TRP A 125 14.59 14.02 -3.17
C TRP A 125 14.47 15.24 -2.27
N ASP A 126 15.43 15.39 -1.35
CA ASP A 126 15.42 16.50 -0.41
C ASP A 126 15.80 17.84 -1.04
N TYR A 127 16.67 17.81 -2.05
CA TYR A 127 17.07 19.05 -2.69
C TYR A 127 16.04 19.52 -3.69
N GLU A 128 15.24 18.59 -4.20
CA GLU A 128 14.24 18.93 -5.22
C GLU A 128 12.77 18.87 -4.79
N ILE A 129 12.45 18.02 -3.82
CA ILE A 129 11.07 17.91 -3.39
C ILE A 129 10.84 18.29 -1.92
N GLY A 130 11.35 17.49 -1.00
CA GLY A 130 11.18 17.77 0.42
C GLY A 130 11.40 19.23 0.80
N THR A 131 12.66 19.66 0.75
CA THR A 131 13.02 21.03 1.12
C THR A 131 12.31 22.13 0.34
N PRO A 132 12.27 22.05 -1.00
CA PRO A 132 11.59 23.11 -1.75
C PRO A 132 10.12 23.27 -1.36
N ARG A 133 9.49 22.16 -0.98
CA ARG A 133 8.08 22.16 -0.59
C ARG A 133 7.90 22.85 0.76
N ALA A 134 8.79 22.56 1.70
CA ALA A 134 8.73 23.16 3.02
C ALA A 134 9.06 24.66 2.97
N ILE A 135 9.90 25.05 2.02
CA ILE A 135 10.28 26.46 1.85
C ILE A 135 9.12 27.25 1.24
N ASN A 136 8.47 26.64 0.26
CA ASN A 136 7.35 27.27 -0.42
C ASN A 136 6.23 27.56 0.56
N ASN A 137 5.87 26.53 1.31
CA ASN A 137 4.80 26.64 2.29
C ASN A 137 5.08 27.70 3.35
N THR A 138 6.35 27.83 3.75
CA THR A 138 6.74 28.81 4.76
C THR A 138 6.59 30.25 4.27
N LEU A 139 6.98 30.50 3.03
CA LEU A 139 6.87 31.84 2.46
C LEU A 139 5.42 32.17 2.13
N SER A 140 4.63 31.14 1.83
CA SER A 140 3.22 31.34 1.51
C SER A 140 2.45 31.71 2.77
N LEU A 141 2.64 30.92 3.82
CA LEU A 141 1.97 31.15 5.09
C LEU A 141 2.36 32.49 5.69
N MET A 142 3.64 32.81 5.63
CA MET A 142 4.13 34.06 6.20
C MET A 142 4.42 35.13 5.15
N LYS A 143 3.68 35.11 4.05
CA LYS A 143 3.93 36.09 3.00
C LYS A 143 3.83 37.54 3.45
N GLU A 144 3.09 37.81 4.51
CA GLU A 144 2.93 39.18 4.98
C GLU A 144 4.10 39.67 5.82
N TYR A 145 5.05 38.78 6.07
CA TYR A 145 6.23 39.11 6.87
C TYR A 145 7.48 39.18 6.01
N PHE A 146 7.36 38.75 4.75
CA PHE A 146 8.49 38.75 3.82
C PHE A 146 8.23 39.69 2.67
N SER A 147 9.31 40.25 2.11
CA SER A 147 9.19 41.15 0.97
C SER A 147 9.27 40.31 -0.30
N ASP A 148 8.68 40.81 -1.39
CA ASP A 148 8.73 40.06 -2.64
C ASP A 148 10.16 39.68 -2.99
N GLU A 149 11.08 40.63 -2.88
CA GLU A 149 12.49 40.38 -3.18
C GLU A 149 13.07 39.27 -2.30
N GLU A 150 12.61 39.19 -1.06
CA GLU A 150 13.09 38.17 -0.14
C GLU A 150 12.56 36.82 -0.57
N ILE A 151 11.33 36.80 -1.07
CA ILE A 151 10.73 35.55 -1.51
C ILE A 151 11.44 35.10 -2.77
N LYS A 152 11.67 36.03 -3.68
CA LYS A 152 12.38 35.73 -4.92
C LYS A 152 13.70 35.10 -4.55
N LYS A 153 14.50 35.82 -3.78
CA LYS A 153 15.81 35.36 -3.34
C LYS A 153 15.78 33.97 -2.70
N TYR A 154 14.80 33.72 -1.84
CA TYR A 154 14.69 32.44 -1.15
C TYR A 154 14.19 31.28 -2.01
N THR A 155 13.54 31.58 -3.13
CA THR A 155 13.05 30.54 -4.02
C THR A 155 13.98 30.29 -5.21
N ASP A 156 14.94 31.19 -5.40
CA ASP A 156 15.89 31.06 -6.51
C ASP A 156 16.58 29.70 -6.50
N VAL A 157 17.00 29.25 -5.31
CA VAL A 157 17.67 27.97 -5.18
C VAL A 157 16.80 26.80 -5.65
N ILE A 158 15.48 26.95 -5.53
CA ILE A 158 14.57 25.89 -5.96
C ILE A 158 14.64 25.85 -7.49
N GLU A 159 14.83 27.01 -8.08
CA GLU A 159 14.94 27.11 -9.54
C GLU A 159 16.20 26.39 -10.00
N LYS A 160 17.31 26.60 -9.28
CA LYS A 160 18.56 25.96 -9.62
C LYS A 160 18.43 24.44 -9.66
N PHE A 161 18.03 23.85 -8.54
CA PHE A 161 17.91 22.39 -8.47
C PHE A 161 16.75 21.80 -9.28
N VAL A 162 15.66 22.54 -9.44
CA VAL A 162 14.50 22.06 -10.17
C VAL A 162 14.00 23.07 -11.20
N PRO A 163 14.77 23.25 -12.28
CA PRO A 163 14.40 24.20 -13.35
C PRO A 163 13.46 23.56 -14.36
N ASP A 164 13.51 22.24 -14.43
CA ASP A 164 12.71 21.49 -15.38
C ASP A 164 11.50 20.80 -14.73
N PRO A 165 10.27 21.22 -15.11
CA PRO A 165 9.05 20.63 -14.55
C PRO A 165 8.71 19.29 -15.19
N GLU A 166 9.62 18.78 -16.00
CA GLU A 166 9.41 17.51 -16.69
C GLU A 166 10.37 16.43 -16.21
N HIS A 167 11.52 16.85 -15.70
CA HIS A 167 12.53 15.93 -15.21
C HIS A 167 13.02 16.26 -13.81
N PHE A 168 13.59 15.25 -13.16
CA PHE A 168 14.15 15.39 -11.83
C PHE A 168 15.63 15.03 -11.95
N ARG A 169 16.43 15.48 -10.98
CA ARG A 169 17.87 15.21 -10.99
C ARG A 169 18.52 15.81 -12.23
N LYS A 170 17.97 16.93 -12.71
CA LYS A 170 18.48 17.64 -13.88
C LYS A 170 19.85 18.23 -13.57
N THR A 171 20.07 18.51 -12.28
CA THR A 171 21.34 19.07 -11.82
C THR A 171 22.43 17.99 -11.81
N THR A 172 22.02 16.74 -11.63
CA THR A 172 22.97 15.62 -11.61
C THR A 172 23.33 15.15 -13.01
N ASP A 173 24.00 14.01 -13.07
CA ASP A 173 24.42 13.43 -14.34
C ASP A 173 23.38 12.51 -14.96
N ASN A 174 22.48 11.99 -14.14
CA ASN A 174 21.46 11.09 -14.63
C ASN A 174 20.05 11.52 -14.25
N PRO A 175 19.54 12.59 -14.88
CA PRO A 175 18.18 13.03 -14.55
C PRO A 175 17.17 11.95 -14.95
N PHE A 176 15.91 12.17 -14.61
CA PHE A 176 14.87 11.21 -14.97
C PHE A 176 13.53 11.92 -15.17
N LYS A 177 12.69 11.35 -16.03
CA LYS A 177 11.38 11.91 -16.34
C LYS A 177 10.38 11.79 -15.20
N ALA A 178 9.79 12.93 -14.84
CA ALA A 178 8.81 12.98 -13.77
C ALA A 178 7.43 12.46 -14.20
N LEU A 179 6.95 11.47 -13.46
CA LEU A 179 5.64 10.84 -13.70
C LEU A 179 5.03 10.39 -12.37
N GLY A 180 3.71 10.26 -12.35
CA GLY A 180 3.01 9.80 -11.16
C GLY A 180 3.18 10.62 -9.89
N GLY A 181 3.43 9.93 -8.78
CA GLY A 181 3.61 10.59 -7.51
C GLY A 181 4.62 11.74 -7.58
N ASN A 182 5.81 11.45 -8.11
CA ASN A 182 6.86 12.46 -8.23
C ASN A 182 6.44 13.63 -9.14
N LEU A 183 5.64 13.35 -10.15
CA LEU A 183 5.17 14.38 -11.06
C LEU A 183 4.20 15.31 -10.34
N VAL A 184 3.46 14.78 -9.36
CA VAL A 184 2.53 15.60 -8.61
C VAL A 184 3.33 16.44 -7.62
N ASP A 185 4.38 15.85 -7.06
CA ASP A 185 5.21 16.59 -6.13
C ASP A 185 5.89 17.74 -6.87
N MET A 186 6.05 17.58 -8.19
CA MET A 186 6.67 18.62 -9.01
C MET A 186 5.74 19.83 -9.10
N GLY A 187 4.44 19.59 -9.06
CA GLY A 187 3.48 20.67 -9.11
C GLY A 187 3.47 21.43 -7.80
N ARG A 188 3.62 20.70 -6.70
CA ARG A 188 3.64 21.30 -5.37
C ARG A 188 4.88 22.18 -5.18
N VAL A 189 5.89 21.93 -6.00
CA VAL A 189 7.14 22.68 -5.93
C VAL A 189 7.19 23.87 -6.88
N LYS A 190 6.79 23.66 -8.14
CA LYS A 190 6.85 24.73 -9.13
C LYS A 190 5.58 25.57 -9.36
N VAL A 191 4.40 25.09 -8.97
CA VAL A 191 3.22 25.92 -9.14
C VAL A 191 3.19 26.92 -7.98
N ILE A 192 3.56 26.47 -6.78
CA ILE A 192 3.58 27.34 -5.61
C ILE A 192 4.77 28.30 -5.70
N ALA A 193 5.95 27.79 -6.03
CA ALA A 193 7.13 28.64 -6.16
C ALA A 193 6.86 29.69 -7.23
N GLY A 194 6.09 29.30 -8.23
CA GLY A 194 5.74 30.22 -9.31
C GLY A 194 4.70 31.24 -8.87
N LEU A 195 3.89 30.87 -7.89
CA LEU A 195 2.89 31.78 -7.38
C LEU A 195 3.63 32.77 -6.50
N LEU A 196 4.60 32.26 -5.77
CA LEU A 196 5.42 33.07 -4.86
C LEU A 196 6.28 34.04 -5.66
N ARG A 197 6.87 33.55 -6.74
CA ARG A 197 7.74 34.37 -7.57
C ARG A 197 6.95 35.17 -8.61
N LYS A 198 5.63 34.98 -8.60
CA LYS A 198 4.75 35.67 -9.54
C LYS A 198 5.18 35.42 -10.99
N ASP A 199 5.57 34.19 -11.27
CA ASP A 199 6.04 33.77 -12.61
C ASP A 199 4.97 33.00 -13.38
N ASP A 200 4.20 33.72 -14.21
CA ASP A 200 3.15 33.10 -15.00
C ASP A 200 3.66 31.97 -15.88
N GLN A 201 4.87 32.13 -16.41
CA GLN A 201 5.47 31.14 -17.27
C GLN A 201 5.65 29.81 -16.52
N GLU A 202 6.19 29.90 -15.32
CA GLU A 202 6.44 28.75 -14.48
C GLU A 202 5.16 28.01 -14.09
N ILE A 203 4.07 28.75 -13.89
CA ILE A 203 2.80 28.17 -13.51
C ILE A 203 2.17 27.37 -14.67
N SER A 204 2.00 28.01 -15.81
CA SER A 204 1.41 27.37 -16.99
C SER A 204 2.18 26.14 -17.47
N SER A 205 3.52 26.23 -17.46
CA SER A 205 4.36 25.12 -17.89
C SER A 205 4.35 23.93 -16.92
N THR A 206 4.21 24.19 -15.62
CA THR A 206 4.17 23.10 -14.65
C THR A 206 2.78 22.48 -14.70
N ILE A 207 1.75 23.31 -14.86
CA ILE A 207 0.39 22.81 -14.95
C ILE A 207 0.32 21.94 -16.21
N ARG A 208 0.76 22.50 -17.33
CA ARG A 208 0.75 21.77 -18.60
C ARG A 208 1.45 20.43 -18.42
N SER A 209 2.49 20.43 -17.61
CA SER A 209 3.27 19.22 -17.36
C SER A 209 2.60 18.23 -16.41
N ILE A 210 1.73 18.73 -15.54
CA ILE A 210 1.02 17.88 -14.58
C ILE A 210 0.00 16.97 -15.26
N GLU A 211 -0.61 17.50 -16.32
CA GLU A 211 -1.63 16.75 -17.09
C GLU A 211 -1.23 15.31 -17.37
N GLN A 212 0.06 15.11 -17.65
CA GLN A 212 0.61 13.78 -17.95
C GLN A 212 0.05 12.71 -17.02
N VAL A 213 -0.18 13.10 -15.77
CA VAL A 213 -0.68 12.18 -14.76
C VAL A 213 -2.09 11.64 -15.05
N PHE A 214 -2.87 12.39 -15.81
CA PHE A 214 -4.24 12.01 -16.14
C PHE A 214 -4.40 11.01 -17.27
N LYS A 215 -3.32 10.37 -17.68
CA LYS A 215 -3.40 9.39 -18.75
C LYS A 215 -3.15 8.00 -18.21
N LEU A 216 -3.71 6.99 -18.87
CA LEU A 216 -3.50 5.62 -18.45
C LEU A 216 -2.37 5.07 -19.31
N VAL A 217 -1.64 4.09 -18.79
CA VAL A 217 -0.52 3.52 -19.53
C VAL A 217 -0.61 2.01 -19.71
N ASP A 218 -0.07 1.50 -20.82
CA ASP A 218 -0.07 0.07 -21.09
C ASP A 218 1.33 -0.47 -20.87
N GLN A 219 2.21 0.38 -20.35
CA GLN A 219 3.59 -0.01 -20.11
C GLN A 219 4.28 1.05 -19.24
N GLY A 220 5.30 0.64 -18.48
CA GLY A 220 6.01 1.58 -17.65
C GLY A 220 5.32 1.98 -16.36
N GLU A 221 5.67 3.16 -15.86
CA GLU A 221 5.09 3.67 -14.63
C GLU A 221 3.79 4.41 -14.85
N GLY A 222 2.87 4.28 -13.88
CA GLY A 222 1.58 4.95 -13.97
C GLY A 222 0.43 4.00 -13.72
N PHE A 223 -0.79 4.48 -13.94
CA PHE A 223 -2.01 3.69 -13.74
C PHE A 223 -2.35 2.92 -14.99
N TYR A 224 -2.77 1.68 -14.81
CA TYR A 224 -3.17 0.85 -15.93
C TYR A 224 -4.69 0.81 -15.94
N GLN A 225 -5.27 0.40 -17.06
CA GLN A 225 -6.72 0.35 -17.17
C GLN A 225 -7.34 -0.75 -16.30
N ASP A 226 -6.50 -1.68 -15.84
CA ASP A 226 -6.97 -2.75 -14.98
C ASP A 226 -6.82 -2.38 -13.51
N GLY A 227 -6.44 -1.13 -13.26
CA GLY A 227 -6.31 -0.64 -11.91
C GLY A 227 -4.93 -0.72 -11.29
N SER A 228 -4.05 -1.51 -11.89
CA SER A 228 -2.70 -1.66 -11.38
C SER A 228 -1.99 -0.33 -11.49
N TYR A 229 -1.06 -0.07 -10.58
CA TYR A 229 -0.27 1.15 -10.62
C TYR A 229 1.17 0.75 -10.37
N ILE A 230 2.04 1.13 -11.30
CA ILE A 230 3.44 0.79 -11.17
C ILE A 230 4.33 2.02 -11.07
N ASP A 231 5.39 1.88 -10.30
CA ASP A 231 6.36 2.95 -10.11
C ASP A 231 7.74 2.33 -9.96
N HIS A 232 8.77 3.17 -10.01
CA HIS A 232 10.13 2.68 -9.88
C HIS A 232 10.35 1.60 -10.94
N THR A 233 9.96 1.91 -12.17
CA THR A 233 10.13 1.01 -13.30
C THR A 233 9.18 -0.18 -13.32
N ASN A 234 9.26 -1.07 -12.34
CA ASN A 234 8.41 -2.26 -12.36
C ASN A 234 7.91 -2.76 -10.99
N VAL A 235 7.61 -1.83 -10.09
CA VAL A 235 7.14 -2.18 -8.74
C VAL A 235 5.67 -1.84 -8.49
N ALA A 236 4.90 -2.80 -7.97
CA ALA A 236 3.49 -2.59 -7.63
C ALA A 236 3.55 -1.52 -6.53
N TYR A 237 2.95 -0.35 -6.78
CA TYR A 237 3.06 0.71 -5.79
C TYR A 237 1.85 1.63 -5.57
N THR A 238 0.64 1.12 -5.79
CA THR A 238 -0.55 1.94 -5.59
C THR A 238 -0.62 2.53 -4.17
N GLY A 239 -0.34 1.68 -3.18
CA GLY A 239 -0.40 2.07 -1.77
C GLY A 239 0.68 2.94 -1.16
N ALA A 240 1.57 3.48 -1.98
CA ALA A 240 2.64 4.34 -1.49
C ALA A 240 2.77 5.54 -2.42
N TYR A 241 3.25 5.31 -3.64
CA TYR A 241 3.41 6.40 -4.60
C TYR A 241 2.05 6.82 -5.16
N GLY A 242 1.10 5.89 -5.16
CA GLY A 242 -0.24 6.22 -5.60
C GLY A 242 -0.80 7.22 -4.59
N ASN A 243 -0.53 6.97 -3.31
CA ASN A 243 -0.99 7.85 -2.23
C ASN A 243 -0.51 9.25 -2.48
N VAL A 244 0.79 9.41 -2.70
CA VAL A 244 1.39 10.72 -2.95
C VAL A 244 0.69 11.42 -4.09
N LEU A 245 0.39 10.66 -5.13
CA LEU A 245 -0.28 11.20 -6.29
C LEU A 245 -1.65 11.84 -5.95
N ILE A 246 -2.56 11.03 -5.43
CA ILE A 246 -3.90 11.50 -5.07
C ILE A 246 -3.88 12.53 -3.94
N ASP A 247 -3.10 12.24 -2.90
CA ASP A 247 -2.98 13.13 -1.76
C ASP A 247 -2.49 14.51 -2.20
N GLY A 248 -1.44 14.53 -3.03
CA GLY A 248 -0.90 15.80 -3.50
C GLY A 248 -1.75 16.48 -4.56
N LEU A 249 -2.25 15.72 -5.51
CA LEU A 249 -3.07 16.29 -6.57
C LEU A 249 -4.34 16.92 -6.00
N SER A 250 -4.97 16.24 -5.03
CA SER A 250 -6.20 16.78 -4.43
C SER A 250 -5.95 18.09 -3.69
N GLN A 251 -4.72 18.29 -3.24
CA GLN A 251 -4.33 19.53 -2.54
C GLN A 251 -4.13 20.67 -3.54
N LEU A 252 -3.52 20.34 -4.67
CA LEU A 252 -3.21 21.31 -5.71
C LEU A 252 -4.37 21.74 -6.59
N LEU A 253 -5.19 20.77 -7.00
CA LEU A 253 -6.29 21.05 -7.90
C LEU A 253 -7.09 22.32 -7.60
N PRO A 254 -7.56 22.48 -6.36
CA PRO A 254 -8.36 23.68 -6.05
C PRO A 254 -7.66 24.97 -6.46
N VAL A 255 -6.36 25.06 -6.22
CA VAL A 255 -5.60 26.25 -6.60
C VAL A 255 -5.44 26.29 -8.12
N ILE A 256 -4.92 25.20 -8.69
CA ILE A 256 -4.72 25.11 -10.14
C ILE A 256 -5.94 25.57 -10.91
N GLN A 257 -7.11 25.11 -10.49
CA GLN A 257 -8.35 25.45 -11.17
C GLN A 257 -8.75 26.93 -11.13
N LYS A 258 -8.12 27.71 -10.25
CA LYS A 258 -8.46 29.12 -10.17
C LYS A 258 -7.43 29.99 -10.87
N THR A 259 -6.55 29.35 -11.63
CA THR A 259 -5.53 30.06 -12.37
C THR A 259 -5.99 30.26 -13.80
N LYS A 260 -5.20 30.98 -14.57
CA LYS A 260 -5.51 31.24 -15.97
C LYS A 260 -5.29 29.99 -16.82
N ASN A 261 -4.88 28.91 -16.17
CA ASN A 261 -4.63 27.65 -16.87
C ASN A 261 -5.32 26.48 -16.18
N PRO A 262 -6.66 26.56 -15.98
CA PRO A 262 -7.38 25.46 -15.33
C PRO A 262 -7.20 24.14 -16.07
N ILE A 263 -7.76 23.07 -15.53
CA ILE A 263 -7.64 21.76 -16.16
C ILE A 263 -9.01 21.17 -16.52
N ASP A 264 -9.13 20.79 -17.79
CA ASP A 264 -10.35 20.21 -18.36
C ASP A 264 -11.12 19.22 -17.48
N LYS A 265 -12.40 19.49 -17.27
CA LYS A 265 -13.27 18.65 -16.45
C LYS A 265 -13.30 17.18 -16.86
N ASP A 266 -12.90 16.90 -18.08
CA ASP A 266 -12.89 15.52 -18.56
C ASP A 266 -11.62 14.81 -18.12
N LYS A 267 -10.50 15.52 -18.13
CA LYS A 267 -9.23 14.94 -17.73
C LYS A 267 -9.29 14.46 -16.28
N MET A 268 -10.15 15.10 -15.50
CA MET A 268 -10.32 14.74 -14.10
C MET A 268 -11.30 13.59 -13.97
N GLN A 269 -11.87 13.18 -15.11
CA GLN A 269 -12.82 12.08 -15.13
C GLN A 269 -12.08 10.79 -14.80
N THR A 270 -10.81 10.77 -15.17
CA THR A 270 -9.96 9.61 -14.95
C THR A 270 -9.59 9.48 -13.46
N MET A 271 -9.65 10.59 -12.74
CA MET A 271 -9.35 10.61 -11.31
C MET A 271 -10.32 9.70 -10.57
N TYR A 272 -11.58 9.73 -10.99
CA TYR A 272 -12.61 8.91 -10.37
C TYR A 272 -12.37 7.45 -10.70
N HIS A 273 -11.70 7.20 -11.81
CA HIS A 273 -11.38 5.85 -12.21
C HIS A 273 -10.33 5.27 -11.25
N TRP A 274 -9.28 6.04 -10.96
CA TRP A 274 -8.24 5.58 -10.04
C TRP A 274 -8.85 5.20 -8.70
N ILE A 275 -9.70 6.07 -8.17
CA ILE A 275 -10.34 5.84 -6.89
C ILE A 275 -11.12 4.53 -6.88
N ASP A 276 -11.98 4.36 -7.87
CA ASP A 276 -12.82 3.17 -7.94
C ASP A 276 -12.12 1.88 -8.36
N LYS A 277 -11.19 1.98 -9.30
CA LYS A 277 -10.50 0.80 -9.79
C LYS A 277 -9.17 0.48 -9.12
N SER A 278 -8.43 1.50 -8.71
CA SER A 278 -7.14 1.27 -8.10
C SER A 278 -7.08 1.28 -6.58
N PHE A 279 -7.62 2.33 -5.96
CA PHE A 279 -7.55 2.46 -4.52
C PHE A 279 -8.57 1.70 -3.70
N ALA A 280 -9.84 1.93 -3.99
CA ALA A 280 -10.92 1.30 -3.25
C ALA A 280 -10.73 -0.19 -2.94
N PRO A 281 -10.35 -1.00 -3.94
CA PRO A 281 -10.17 -2.42 -3.68
C PRO A 281 -9.06 -2.79 -2.70
N LEU A 282 -8.12 -1.87 -2.50
CA LEU A 282 -7.01 -2.13 -1.60
C LEU A 282 -7.32 -1.72 -0.17
N LEU A 283 -8.51 -1.16 0.04
CA LEU A 283 -8.91 -0.73 1.37
C LEU A 283 -9.90 -1.72 2.00
N VAL A 284 -9.46 -2.38 3.07
CA VAL A 284 -10.30 -3.36 3.77
C VAL A 284 -10.40 -3.03 5.26
N ASN A 285 -11.59 -2.59 5.68
CA ASN A 285 -11.84 -2.22 7.06
C ASN A 285 -10.92 -1.10 7.49
N GLY A 286 -10.71 -0.15 6.59
CA GLY A 286 -9.85 0.98 6.90
C GLY A 286 -8.35 0.73 6.73
N GLU A 287 -7.97 -0.46 6.28
CA GLU A 287 -6.57 -0.79 6.09
C GLU A 287 -6.21 -0.81 4.61
N LEU A 288 -5.03 -0.26 4.28
CA LEU A 288 -4.53 -0.25 2.91
C LEU A 288 -3.60 -1.46 2.78
N MET A 289 -4.00 -2.44 1.96
CA MET A 289 -3.25 -3.67 1.77
C MET A 289 -1.74 -3.42 1.62
N ASP A 290 -0.95 -4.04 2.50
CA ASP A 290 0.51 -3.89 2.50
C ASP A 290 1.21 -4.31 1.21
N MET A 291 0.67 -5.30 0.52
CA MET A 291 1.24 -5.82 -0.74
C MET A 291 1.38 -4.74 -1.80
N SER A 292 0.78 -3.57 -1.57
CA SER A 292 0.83 -2.50 -2.55
C SER A 292 1.60 -1.29 -2.03
N ARG A 293 2.23 -1.44 -0.89
CA ARG A 293 2.95 -0.33 -0.29
C ARG A 293 4.46 -0.40 -0.39
N GLY A 294 4.95 -1.40 -1.10
CA GLY A 294 6.37 -1.55 -1.28
C GLY A 294 7.19 -1.49 -0.01
N ARG A 295 8.21 -0.64 -0.01
CA ARG A 295 9.12 -0.52 1.13
C ARG A 295 8.57 0.22 2.33
N SER A 296 7.44 0.88 2.15
CA SER A 296 6.81 1.63 3.24
C SER A 296 6.32 0.73 4.36
N ILE A 297 6.23 -0.57 4.09
CA ILE A 297 5.76 -1.50 5.11
C ILE A 297 6.74 -1.58 6.27
N SER A 298 7.96 -1.08 6.06
CA SER A 298 8.98 -1.13 7.10
C SER A 298 9.07 0.16 7.91
N ARG A 299 8.10 1.05 7.74
CA ARG A 299 8.06 2.30 8.48
C ARG A 299 7.06 2.15 9.63
N ALA A 300 7.55 2.35 10.86
CA ALA A 300 6.71 2.20 12.05
C ALA A 300 5.51 3.14 12.16
N ASN A 301 5.64 4.36 11.69
CA ASN A 301 4.53 5.32 11.77
C ASN A 301 3.68 5.38 10.52
N SER A 302 3.68 4.31 9.74
CA SER A 302 2.89 4.28 8.53
C SER A 302 2.35 2.89 8.26
N GLU A 303 1.83 2.25 9.31
CA GLU A 303 1.23 0.93 9.15
C GLU A 303 -0.06 1.06 8.32
N GLY A 304 -0.59 -0.08 7.88
CA GLY A 304 -1.77 -0.11 7.04
C GLY A 304 -2.92 0.87 7.23
N HIS A 305 -3.45 0.94 8.45
CA HIS A 305 -4.57 1.84 8.72
C HIS A 305 -4.17 3.30 8.60
N VAL A 306 -2.94 3.62 9.01
CA VAL A 306 -2.43 4.99 8.92
C VAL A 306 -2.18 5.38 7.45
N ALA A 307 -1.66 4.46 6.66
CA ALA A 307 -1.39 4.77 5.26
C ALA A 307 -2.72 4.97 4.56
N ALA A 308 -3.70 4.14 4.89
CA ALA A 308 -5.02 4.24 4.28
C ALA A 308 -5.59 5.66 4.37
N VAL A 309 -5.30 6.38 5.46
CA VAL A 309 -5.84 7.73 5.60
C VAL A 309 -5.30 8.74 4.60
N GLU A 310 -4.13 8.50 4.02
CA GLU A 310 -3.60 9.44 3.03
C GLU A 310 -4.51 9.39 1.80
N VAL A 311 -4.94 8.18 1.46
CA VAL A 311 -5.83 8.00 0.32
C VAL A 311 -7.22 8.59 0.60
N LEU A 312 -7.81 8.22 1.75
CA LEU A 312 -9.12 8.71 2.15
C LEU A 312 -9.25 10.23 2.17
N ARG A 313 -8.24 10.94 2.70
CA ARG A 313 -8.32 12.40 2.73
C ARG A 313 -8.21 13.00 1.34
N GLY A 314 -7.53 12.29 0.46
CA GLY A 314 -7.40 12.77 -0.91
C GLY A 314 -8.76 12.60 -1.56
N ILE A 315 -9.36 11.43 -1.39
CA ILE A 315 -10.67 11.13 -1.95
C ILE A 315 -11.66 12.16 -1.43
N HIS A 316 -11.60 12.42 -0.13
CA HIS A 316 -12.49 13.37 0.52
C HIS A 316 -12.37 14.75 -0.12
N ARG A 317 -11.14 15.19 -0.33
CA ARG A 317 -10.89 16.48 -0.94
C ARG A 317 -11.44 16.52 -2.36
N ILE A 318 -11.30 15.41 -3.08
CA ILE A 318 -11.79 15.33 -4.46
C ILE A 318 -13.31 15.38 -4.50
N ALA A 319 -13.95 14.65 -3.58
CA ALA A 319 -15.42 14.62 -3.50
C ALA A 319 -15.94 16.04 -3.31
N ASP A 320 -15.25 16.80 -2.46
CA ASP A 320 -15.60 18.18 -2.16
C ASP A 320 -15.46 19.10 -3.38
N MET A 321 -14.68 18.67 -4.35
CA MET A 321 -14.47 19.45 -5.56
C MET A 321 -15.57 19.15 -6.55
N SER A 322 -16.05 17.90 -6.51
CA SER A 322 -17.11 17.43 -7.40
C SER A 322 -18.47 17.95 -6.98
N GLU A 323 -19.52 17.46 -7.62
CA GLU A 323 -20.87 17.87 -7.28
C GLU A 323 -21.88 16.81 -7.64
N GLY A 324 -23.10 16.97 -7.14
CA GLY A 324 -24.15 16.03 -7.44
C GLY A 324 -23.86 14.61 -6.97
N GLU A 325 -24.25 13.65 -7.78
CA GLU A 325 -24.07 12.25 -7.46
C GLU A 325 -22.62 11.92 -7.09
N THR A 326 -21.70 12.24 -8.00
CA THR A 326 -20.27 11.98 -7.79
C THR A 326 -19.79 12.41 -6.42
N LYS A 327 -20.13 13.63 -6.02
CA LYS A 327 -19.72 14.13 -4.71
C LYS A 327 -20.34 13.26 -3.64
N GLN A 328 -21.59 12.86 -3.88
CA GLN A 328 -22.34 12.04 -2.94
C GLN A 328 -21.75 10.64 -2.80
N ARG A 329 -21.49 9.96 -3.92
CA ARG A 329 -20.93 8.62 -3.86
C ARG A 329 -19.54 8.54 -3.24
N LEU A 330 -18.68 9.50 -3.57
CA LEU A 330 -17.33 9.51 -3.01
C LEU A 330 -17.41 9.75 -1.50
N GLN A 331 -18.35 10.62 -1.11
CA GLN A 331 -18.57 10.93 0.29
C GLN A 331 -18.97 9.67 1.07
N SER A 332 -19.88 8.88 0.48
CA SER A 332 -20.35 7.65 1.13
C SER A 332 -19.24 6.59 1.15
N LEU A 333 -18.38 6.63 0.13
CA LEU A 333 -17.28 5.67 0.06
C LEU A 333 -16.35 5.95 1.23
N VAL A 334 -16.05 7.23 1.45
CA VAL A 334 -15.18 7.61 2.55
C VAL A 334 -15.86 7.33 3.89
N LYS A 335 -17.15 7.64 4.00
CA LYS A 335 -17.90 7.43 5.24
C LYS A 335 -17.97 5.97 5.68
N THR A 336 -18.38 5.09 4.77
CA THR A 336 -18.49 3.68 5.11
C THR A 336 -17.14 3.04 5.49
N ILE A 337 -16.08 3.39 4.76
CA ILE A 337 -14.75 2.83 5.06
C ILE A 337 -14.31 3.32 6.44
N VAL A 338 -14.37 4.63 6.65
CA VAL A 338 -13.99 5.22 7.93
C VAL A 338 -14.81 4.63 9.09
N GLN A 339 -16.10 4.37 8.86
CA GLN A 339 -16.93 3.83 9.92
C GLN A 339 -16.74 2.33 10.18
N SER A 340 -16.22 1.62 9.19
CA SER A 340 -15.99 0.18 9.34
C SER A 340 -14.70 -0.08 10.10
N ASP A 341 -13.97 0.98 10.39
CA ASP A 341 -12.68 0.86 11.08
C ASP A 341 -12.76 1.04 12.59
N SER A 342 -12.91 -0.07 13.30
CA SER A 342 -13.00 -0.05 14.75
C SER A 342 -11.65 -0.06 15.45
N TYR A 343 -10.58 -0.14 14.67
CA TYR A 343 -9.24 -0.19 15.24
C TYR A 343 -8.48 1.15 15.20
N TYR A 344 -8.50 1.87 14.07
CA TYR A 344 -7.77 3.14 13.98
C TYR A 344 -8.68 4.37 13.91
N ASP A 345 -8.29 5.44 14.58
CA ASP A 345 -9.05 6.69 14.60
C ASP A 345 -8.56 7.60 13.47
N VAL A 346 -9.32 7.65 12.39
CA VAL A 346 -8.97 8.43 11.21
C VAL A 346 -8.42 9.84 11.49
N PHE A 347 -8.93 10.48 12.54
CA PHE A 347 -8.48 11.83 12.87
C PHE A 347 -7.01 11.88 13.25
N LYS A 348 -6.46 10.73 13.63
CA LYS A 348 -5.05 10.67 14.00
C LYS A 348 -4.15 10.99 12.79
N ASN A 349 -4.72 11.00 11.59
CA ASN A 349 -3.94 11.31 10.39
C ASN A 349 -4.58 12.35 9.47
N LEU A 350 -5.35 13.26 10.06
CA LEU A 350 -5.95 14.37 9.33
C LEU A 350 -5.18 15.52 9.96
N LYS A 351 -4.21 16.05 9.21
CA LYS A 351 -3.35 17.09 9.74
C LYS A 351 -3.55 18.55 9.39
N THR A 352 -4.73 18.91 8.90
CA THR A 352 -5.00 20.32 8.64
C THR A 352 -6.42 20.56 9.15
N TYR A 353 -6.78 21.81 9.42
CA TYR A 353 -8.12 22.08 9.94
C TYR A 353 -9.19 21.87 8.89
N LYS A 354 -8.86 22.06 7.62
CA LYS A 354 -9.86 21.84 6.59
C LYS A 354 -10.22 20.35 6.47
N ASP A 355 -9.21 19.49 6.58
CA ASP A 355 -9.41 18.05 6.49
C ASP A 355 -10.20 17.51 7.67
N ILE A 356 -9.99 18.10 8.84
CA ILE A 356 -10.71 17.67 10.01
C ILE A 356 -12.17 18.13 9.88
N SER A 357 -12.36 19.38 9.48
CA SER A 357 -13.69 19.94 9.31
C SER A 357 -14.48 19.11 8.29
N LEU A 358 -13.83 18.81 7.18
CA LEU A 358 -14.44 18.02 6.11
C LEU A 358 -14.90 16.64 6.59
N MET A 359 -14.04 15.96 7.34
CA MET A 359 -14.35 14.62 7.83
C MET A 359 -15.54 14.69 8.79
N GLN A 360 -15.51 15.67 9.68
CA GLN A 360 -16.59 15.83 10.65
C GLN A 360 -17.93 16.08 9.95
N SER A 361 -17.96 17.00 9.00
CA SER A 361 -19.21 17.27 8.26
C SER A 361 -19.73 15.94 7.68
N LEU A 362 -18.86 15.25 6.97
CA LEU A 362 -19.12 13.97 6.32
C LEU A 362 -19.77 12.92 7.22
N LEU A 363 -19.11 12.63 8.33
CA LEU A 363 -19.57 11.63 9.29
C LEU A 363 -20.86 11.96 10.04
N SER A 364 -21.15 13.25 10.21
CA SER A 364 -22.34 13.67 10.94
C SER A 364 -23.50 14.04 10.03
N ASP A 365 -23.29 13.93 8.73
CA ASP A 365 -24.34 14.25 7.77
C ASP A 365 -25.16 13.00 7.46
N ALA A 366 -26.40 12.98 7.95
CA ALA A 366 -27.32 11.85 7.76
C ALA A 366 -27.69 11.63 6.31
N GLY A 367 -27.58 12.71 5.52
CA GLY A 367 -27.89 12.66 4.10
C GLY A 367 -26.88 11.84 3.30
N VAL A 368 -25.68 11.67 3.85
CA VAL A 368 -24.65 10.88 3.19
C VAL A 368 -24.73 9.43 3.67
N ALA A 369 -25.06 8.53 2.74
CA ALA A 369 -25.22 7.11 3.05
C ALA A 369 -23.93 6.44 3.52
N SER A 370 -24.10 5.43 4.37
CA SER A 370 -22.97 4.70 4.90
C SER A 370 -23.39 3.24 5.02
N VAL A 371 -23.36 2.56 3.88
CA VAL A 371 -23.73 1.16 3.81
C VAL A 371 -22.49 0.29 3.61
N PRO A 372 -22.46 -0.90 4.23
CA PRO A 372 -21.32 -1.81 4.09
C PRO A 372 -20.96 -2.04 2.62
N ARG A 373 -19.67 -2.05 2.33
CA ARG A 373 -19.21 -2.28 0.96
C ARG A 373 -19.62 -3.68 0.56
N THR A 374 -19.97 -3.85 -0.71
CA THR A 374 -20.38 -5.15 -1.21
C THR A 374 -19.16 -5.99 -1.64
N SER A 375 -19.38 -7.28 -1.91
CA SER A 375 -18.32 -8.21 -2.31
C SER A 375 -17.62 -7.76 -3.60
N TYR A 376 -16.33 -8.10 -3.73
CA TYR A 376 -15.56 -7.75 -4.91
C TYR A 376 -14.26 -8.53 -5.05
N LEU A 377 -13.78 -8.66 -6.28
CA LEU A 377 -12.52 -9.35 -6.55
C LEU A 377 -11.80 -8.60 -7.67
N SER A 378 -10.62 -8.07 -7.36
CA SER A 378 -9.83 -7.33 -8.35
C SER A 378 -8.55 -8.08 -8.72
N ALA A 379 -8.37 -8.36 -10.01
CA ALA A 379 -7.17 -9.03 -10.50
C ALA A 379 -6.28 -7.97 -11.15
N PHE A 380 -5.32 -7.44 -10.39
CA PHE A 380 -4.41 -6.43 -10.91
C PHE A 380 -3.27 -7.21 -11.58
N ASN A 381 -3.55 -7.73 -12.77
CA ASN A 381 -2.57 -8.52 -13.49
C ASN A 381 -1.33 -7.74 -13.93
N LYS A 382 -1.50 -6.43 -14.13
CA LYS A 382 -0.39 -5.59 -14.54
C LYS A 382 0.62 -5.30 -13.45
N MET A 383 0.34 -5.74 -12.23
CA MET A 383 1.28 -5.56 -11.14
C MET A 383 1.34 -6.84 -10.31
N ASP A 384 0.80 -7.92 -10.89
CA ASP A 384 0.77 -9.25 -10.29
C ASP A 384 0.26 -9.34 -8.84
N LYS A 385 -0.80 -8.60 -8.55
CA LYS A 385 -1.43 -8.61 -7.22
C LYS A 385 -2.91 -8.96 -7.43
N THR A 386 -3.53 -9.52 -6.40
CA THR A 386 -4.94 -9.88 -6.47
C THR A 386 -5.62 -9.57 -5.12
N ALA A 387 -6.73 -8.84 -5.17
CA ALA A 387 -7.49 -8.45 -3.97
C ALA A 387 -8.90 -9.03 -4.01
N MET A 388 -9.29 -9.69 -2.92
CA MET A 388 -10.61 -10.30 -2.82
C MET A 388 -11.33 -9.91 -1.52
N TYR A 389 -12.61 -9.63 -1.59
CA TYR A 389 -13.38 -9.27 -0.40
C TYR A 389 -14.79 -9.87 -0.39
N ASN A 390 -15.14 -10.54 0.70
CA ASN A 390 -16.44 -11.17 0.90
C ASN A 390 -17.25 -10.39 1.94
N ALA A 391 -18.28 -9.69 1.49
CA ALA A 391 -19.11 -8.87 2.38
C ALA A 391 -20.02 -9.70 3.29
N GLU A 392 -20.49 -10.82 2.77
CA GLU A 392 -21.38 -11.67 3.57
C GLU A 392 -20.68 -12.23 4.78
N LYS A 393 -19.54 -12.88 4.58
CA LYS A 393 -18.79 -13.47 5.69
C LYS A 393 -17.86 -12.44 6.32
N GLY A 394 -17.56 -11.39 5.57
CA GLY A 394 -16.72 -10.31 6.09
C GLY A 394 -15.22 -10.50 6.18
N PHE A 395 -14.59 -11.04 5.15
CA PHE A 395 -13.13 -11.19 5.17
C PHE A 395 -12.50 -10.72 3.87
N GLY A 396 -11.23 -10.33 3.94
CA GLY A 396 -10.51 -9.87 2.77
C GLY A 396 -9.38 -10.84 2.54
N PHE A 397 -8.88 -10.94 1.32
CA PHE A 397 -7.77 -11.85 0.99
C PHE A 397 -6.90 -11.18 -0.07
N GLY A 398 -5.59 -11.24 0.13
CA GLY A 398 -4.67 -10.63 -0.81
C GLY A 398 -3.63 -11.63 -1.29
N LEU A 399 -3.41 -11.65 -2.60
CA LEU A 399 -2.42 -12.56 -3.18
C LEU A 399 -1.29 -11.70 -3.76
N SER A 400 -0.09 -11.91 -3.23
CA SER A 400 1.11 -11.18 -3.63
C SER A 400 2.05 -12.02 -4.45
N LEU A 401 2.17 -11.68 -5.73
CA LEU A 401 3.07 -12.40 -6.62
C LEU A 401 3.96 -11.40 -7.38
N PHE A 402 4.77 -11.94 -8.29
CA PHE A 402 5.63 -11.16 -9.15
C PHE A 402 5.99 -12.09 -10.30
N SER A 403 6.56 -11.54 -11.35
CA SER A 403 6.93 -12.34 -12.50
C SER A 403 8.11 -11.70 -13.21
N SER A 404 8.25 -12.01 -14.49
CA SER A 404 9.33 -11.45 -15.28
C SER A 404 9.03 -9.98 -15.52
N ARG A 405 7.78 -9.57 -15.33
CA ARG A 405 7.39 -8.18 -15.56
C ARG A 405 7.47 -7.28 -14.33
N THR A 406 7.69 -7.88 -13.16
CA THR A 406 7.73 -7.09 -11.94
C THR A 406 8.80 -7.58 -10.98
N LEU A 407 9.25 -6.67 -10.13
CA LEU A 407 10.25 -6.94 -9.08
C LEU A 407 9.56 -7.60 -7.87
N ASN A 408 10.20 -8.56 -7.22
CA ASN A 408 9.56 -9.21 -6.07
C ASN A 408 9.41 -8.33 -4.84
N TYR A 409 10.43 -7.54 -4.53
CA TYR A 409 10.38 -6.65 -3.38
C TYR A 409 11.36 -5.50 -3.58
N GLU A 410 11.03 -4.35 -2.99
CA GLU A 410 11.89 -3.18 -3.10
C GLU A 410 12.62 -2.87 -1.79
N HIS A 411 13.94 -3.08 -1.79
CA HIS A 411 14.79 -2.77 -0.65
C HIS A 411 15.62 -1.61 -1.15
N MET A 412 15.25 -0.40 -0.74
CA MET A 412 15.93 0.80 -1.18
C MET A 412 16.02 1.83 -0.08
N ASN A 413 17.05 2.67 -0.13
CA ASN A 413 17.26 3.71 0.87
C ASN A 413 17.41 3.10 2.26
N LYS A 414 17.83 1.84 2.30
CA LYS A 414 18.04 1.10 3.54
C LYS A 414 16.73 0.63 4.20
N GLU A 415 15.62 0.73 3.46
CA GLU A 415 14.32 0.30 3.96
C GLU A 415 13.88 -1.05 3.42
N ASN A 416 13.12 -1.79 4.22
CA ASN A 416 12.62 -3.10 3.86
C ASN A 416 13.79 -4.03 3.54
N LYS A 417 14.68 -4.18 4.50
CA LYS A 417 15.86 -5.03 4.36
C LYS A 417 15.56 -6.53 4.28
N ARG A 418 14.43 -6.98 4.80
CA ARG A 418 14.13 -8.40 4.75
C ARG A 418 12.79 -8.77 4.10
N GLY A 419 12.41 -8.03 3.06
CA GLY A 419 11.16 -8.32 2.37
C GLY A 419 11.34 -9.39 1.31
N TRP A 420 12.43 -10.16 1.41
CA TRP A 420 12.78 -11.23 0.44
C TRP A 420 11.65 -12.05 -0.17
N TYR A 421 10.74 -12.56 0.66
CA TYR A 421 9.68 -13.43 0.16
C TYR A 421 8.24 -12.91 0.19
N THR A 422 8.06 -11.59 0.29
CA THR A 422 6.73 -11.03 0.36
C THR A 422 5.91 -11.09 -0.93
N SER A 423 6.50 -11.66 -1.98
CA SER A 423 5.81 -11.76 -3.27
C SER A 423 6.02 -13.16 -3.85
N ASP A 424 6.53 -14.06 -3.03
CA ASP A 424 6.76 -15.43 -3.47
C ASP A 424 5.50 -16.27 -3.23
N GLY A 425 4.36 -15.71 -3.60
CA GLY A 425 3.11 -16.41 -3.40
C GLY A 425 2.63 -16.23 -1.98
N MET A 426 2.90 -15.05 -1.41
CA MET A 426 2.49 -14.73 -0.05
C MET A 426 1.03 -14.29 -0.04
N PHE A 427 0.26 -14.74 0.96
CA PHE A 427 -1.13 -14.32 1.04
C PHE A 427 -1.40 -13.55 2.32
N TYR A 428 -2.42 -12.71 2.26
CA TYR A 428 -2.86 -11.88 3.37
C TYR A 428 -4.31 -12.28 3.69
N LEU A 429 -4.66 -12.39 4.98
CA LEU A 429 -6.04 -12.68 5.36
C LEU A 429 -6.49 -11.57 6.29
N TYR A 430 -7.49 -10.80 5.84
CA TYR A 430 -8.04 -9.69 6.60
C TYR A 430 -9.37 -10.12 7.22
N ASN A 431 -9.36 -10.33 8.53
CA ASN A 431 -10.58 -10.75 9.24
C ASN A 431 -10.96 -9.83 10.41
N GLY A 432 -11.60 -10.42 11.43
CA GLY A 432 -12.04 -9.66 12.59
C GLY A 432 -10.93 -8.91 13.31
N ASP A 433 -9.74 -9.48 13.31
CA ASP A 433 -8.58 -8.85 13.94
C ASP A 433 -8.01 -7.78 12.98
N LEU A 434 -8.54 -6.57 13.07
CA LEU A 434 -8.11 -5.46 12.23
C LEU A 434 -6.68 -4.98 12.48
N SER A 435 -6.10 -5.40 13.59
CA SER A 435 -4.75 -4.99 13.94
C SER A 435 -3.68 -6.02 13.62
N HIS A 436 -4.07 -7.11 12.93
CA HIS A 436 -3.13 -8.17 12.59
C HIS A 436 -1.81 -7.73 11.95
N TYR A 437 -1.88 -6.95 10.88
CA TYR A 437 -0.67 -6.51 10.20
C TYR A 437 -0.12 -5.22 10.79
N SER A 438 -0.65 -4.83 11.94
CA SER A 438 -0.21 -3.62 12.63
C SER A 438 0.38 -4.03 13.98
N ASP A 439 0.61 -3.06 14.87
CA ASP A 439 1.19 -3.34 16.19
C ASP A 439 2.52 -4.10 16.09
N GLY A 440 3.39 -3.68 15.17
CA GLY A 440 4.70 -4.32 15.05
C GLY A 440 4.75 -5.66 14.36
N TYR A 441 3.80 -5.94 13.48
CA TYR A 441 3.80 -7.21 12.77
C TYR A 441 5.06 -7.34 11.90
N TRP A 442 5.36 -6.29 11.14
CA TRP A 442 6.49 -6.33 10.23
C TRP A 442 7.86 -6.57 10.85
N PRO A 443 8.19 -5.88 11.97
CA PRO A 443 9.51 -6.15 12.55
C PRO A 443 9.55 -7.42 13.40
N THR A 444 8.43 -8.11 13.59
CA THR A 444 8.45 -9.32 14.42
C THR A 444 8.12 -10.60 13.69
N VAL A 445 7.54 -10.49 12.50
CA VAL A 445 7.21 -11.66 11.71
C VAL A 445 8.52 -12.31 11.23
N ASN A 446 8.59 -13.64 11.22
CA ASN A 446 9.80 -14.34 10.74
C ASN A 446 9.86 -14.19 9.22
N PRO A 447 10.82 -13.40 8.72
CA PRO A 447 10.94 -13.17 7.27
C PRO A 447 11.22 -14.39 6.43
N TYR A 448 11.65 -15.47 7.07
CA TYR A 448 11.95 -16.71 6.37
C TYR A 448 10.73 -17.60 6.17
N LYS A 449 9.63 -17.28 6.85
CA LYS A 449 8.42 -18.08 6.72
C LYS A 449 7.19 -17.26 6.42
N MET A 450 7.25 -16.45 5.37
CA MET A 450 6.10 -15.64 5.00
C MET A 450 5.00 -16.63 4.61
N PRO A 451 3.76 -16.38 5.07
CA PRO A 451 2.62 -17.26 4.79
C PRO A 451 2.30 -17.52 3.32
N GLY A 452 2.15 -18.80 2.99
CA GLY A 452 1.83 -19.21 1.64
C GLY A 452 3.02 -19.50 0.75
N THR A 453 4.22 -19.11 1.19
CA THR A 453 5.43 -19.30 0.40
C THR A 453 6.17 -20.63 0.61
N THR A 454 6.74 -21.14 -0.49
CA THR A 454 7.53 -22.37 -0.47
C THR A 454 8.98 -21.91 -0.58
N GLU A 455 9.83 -22.33 0.36
CA GLU A 455 11.24 -21.92 0.36
C GLU A 455 12.19 -22.86 1.10
N THR A 456 13.50 -22.69 0.84
CA THR A 456 14.52 -23.50 1.52
C THR A 456 14.95 -22.65 2.71
N ASP A 457 15.62 -23.27 3.68
CA ASP A 457 16.05 -22.54 4.87
C ASP A 457 17.39 -21.85 4.78
N ALA A 458 17.88 -21.65 3.57
CA ALA A 458 19.16 -20.99 3.37
C ALA A 458 19.10 -19.58 3.96
N LYS A 459 20.20 -19.14 4.56
CA LYS A 459 20.25 -17.80 5.14
C LYS A 459 20.23 -16.78 4.00
N ARG A 460 19.70 -15.58 4.27
CA ARG A 460 19.62 -14.53 3.26
C ARG A 460 20.33 -13.31 3.82
N ALA A 461 20.81 -12.43 2.93
CA ALA A 461 21.50 -11.22 3.34
C ALA A 461 20.63 -9.98 3.26
N ASP A 462 20.76 -9.11 4.26
CA ASP A 462 19.99 -7.88 4.32
C ASP A 462 20.41 -6.99 3.16
N SER A 463 21.64 -7.18 2.68
CA SER A 463 22.16 -6.38 1.59
C SER A 463 21.54 -6.70 0.22
N ASP A 464 20.89 -7.85 0.11
CA ASP A 464 20.26 -8.25 -1.13
C ASP A 464 19.23 -7.24 -1.64
N THR A 465 18.84 -7.38 -2.91
CA THR A 465 17.83 -6.50 -3.51
C THR A 465 16.91 -7.30 -4.42
N GLY A 466 15.85 -6.63 -4.89
CA GLY A 466 14.84 -7.26 -5.73
C GLY A 466 15.31 -7.90 -7.03
N LYS A 467 14.49 -8.83 -7.52
CA LYS A 467 14.75 -9.55 -8.77
C LYS A 467 13.44 -9.78 -9.47
N VAL A 468 13.46 -10.02 -10.78
CA VAL A 468 12.23 -10.31 -11.49
C VAL A 468 12.22 -11.83 -11.56
N LEU A 469 11.07 -12.41 -11.90
CA LEU A 469 10.99 -13.87 -11.97
C LEU A 469 11.40 -14.33 -13.37
N PRO A 470 12.08 -15.48 -13.46
CA PRO A 470 12.47 -15.95 -14.79
C PRO A 470 11.25 -16.18 -15.68
N SER A 471 10.14 -16.60 -15.07
CA SER A 471 8.92 -16.90 -15.82
C SER A 471 7.88 -15.79 -15.89
N ALA A 472 7.14 -15.79 -16.99
CA ALA A 472 6.08 -14.82 -17.23
C ALA A 472 4.71 -15.44 -16.94
N PHE A 473 4.70 -16.75 -16.66
CA PHE A 473 3.48 -17.51 -16.36
C PHE A 473 3.05 -17.28 -14.91
N VAL A 474 2.50 -16.10 -14.68
CA VAL A 474 2.03 -15.66 -13.37
C VAL A 474 0.79 -14.82 -13.69
N GLY A 475 -0.35 -15.17 -13.10
CA GLY A 475 -1.54 -14.40 -13.38
C GLY A 475 -2.85 -14.93 -12.84
N THR A 476 -3.86 -14.07 -12.86
CA THR A 476 -5.19 -14.39 -12.33
C THR A 476 -6.30 -14.34 -13.37
N SER A 477 -7.12 -15.39 -13.39
CA SER A 477 -8.28 -15.47 -14.29
C SER A 477 -9.51 -15.23 -13.41
N LYS A 478 -10.16 -14.07 -13.57
CA LYS A 478 -11.35 -13.69 -12.80
C LYS A 478 -12.66 -14.00 -13.52
N LEU A 479 -13.51 -14.84 -12.91
CA LEU A 479 -14.80 -15.14 -13.55
C LEU A 479 -15.85 -14.10 -13.14
N ASP A 480 -15.91 -13.78 -11.86
CA ASP A 480 -16.84 -12.79 -11.35
C ASP A 480 -16.21 -12.11 -10.14
N ASP A 481 -17.00 -11.47 -9.31
CA ASP A 481 -16.46 -10.78 -8.13
C ASP A 481 -16.33 -11.67 -6.90
N ALA A 482 -16.58 -12.96 -7.05
CA ALA A 482 -16.47 -13.88 -5.93
C ALA A 482 -15.56 -15.06 -6.22
N ASN A 483 -15.30 -15.31 -7.52
CA ASN A 483 -14.48 -16.44 -7.94
C ASN A 483 -13.37 -16.09 -8.95
N ALA A 484 -12.20 -16.70 -8.76
CA ALA A 484 -11.06 -16.48 -9.65
C ALA A 484 -9.97 -17.51 -9.37
N THR A 485 -9.10 -17.70 -10.37
CA THR A 485 -7.99 -18.65 -10.26
C THR A 485 -6.67 -17.94 -10.59
N ALA A 486 -5.62 -18.30 -9.87
CA ALA A 486 -4.31 -17.69 -10.06
C ALA A 486 -3.22 -18.73 -10.03
N THR A 487 -2.09 -18.43 -10.66
CA THR A 487 -0.95 -19.34 -10.69
C THR A 487 0.37 -18.59 -10.73
N MET A 488 1.44 -19.27 -10.34
CA MET A 488 2.78 -18.70 -10.34
C MET A 488 3.77 -19.83 -10.63
N ASP A 489 4.39 -19.78 -11.81
CA ASP A 489 5.39 -20.77 -12.20
C ASP A 489 6.63 -20.32 -11.42
N PHE A 490 6.71 -20.78 -10.19
CA PHE A 490 7.75 -20.38 -9.27
C PHE A 490 9.11 -21.02 -9.30
N THR A 491 10.13 -20.15 -9.14
CA THR A 491 11.54 -20.54 -9.04
C THR A 491 12.11 -19.62 -7.97
N ASN A 492 12.82 -20.16 -6.97
CA ASN A 492 13.33 -19.29 -5.94
C ASN A 492 14.54 -18.44 -6.34
N TRP A 493 14.91 -17.53 -5.44
CA TRP A 493 15.98 -16.57 -5.62
C TRP A 493 17.33 -17.04 -6.19
N ASN A 494 17.72 -18.29 -5.90
CA ASN A 494 19.00 -18.80 -6.37
C ASN A 494 18.84 -20.03 -7.25
N GLN A 495 17.64 -20.19 -7.79
CA GLN A 495 17.34 -21.31 -8.67
C GLN A 495 17.74 -22.67 -8.11
N THR A 496 17.26 -22.99 -6.92
CA THR A 496 17.51 -24.30 -6.31
C THR A 496 16.18 -24.96 -6.00
N LEU A 497 15.10 -24.20 -6.11
CA LEU A 497 13.76 -24.71 -5.83
C LEU A 497 12.73 -24.19 -6.81
N THR A 498 11.80 -25.06 -7.17
CA THR A 498 10.72 -24.73 -8.08
C THR A 498 9.43 -25.32 -7.52
N ALA A 499 8.30 -24.77 -7.95
CA ALA A 499 7.00 -25.27 -7.52
C ALA A 499 5.94 -24.65 -8.38
N HIS A 500 4.92 -25.43 -8.72
CA HIS A 500 3.80 -24.90 -9.48
C HIS A 500 2.80 -24.54 -8.39
N LYS A 501 2.70 -23.25 -8.09
CA LYS A 501 1.78 -22.79 -7.05
C LYS A 501 0.52 -22.19 -7.69
N SER A 502 -0.63 -22.67 -7.21
CA SER A 502 -1.90 -22.19 -7.73
C SER A 502 -2.88 -21.90 -6.60
N TRP A 503 -3.76 -20.94 -6.84
CA TRP A 503 -4.76 -20.52 -5.88
C TRP A 503 -6.16 -20.52 -6.51
N PHE A 504 -7.13 -21.05 -5.77
CA PHE A 504 -8.50 -21.10 -6.27
C PHE A 504 -9.44 -20.35 -5.33
N MET A 505 -9.73 -19.11 -5.67
CA MET A 505 -10.60 -18.27 -4.88
C MET A 505 -12.05 -18.63 -5.20
N LEU A 506 -12.72 -19.28 -4.25
CA LEU A 506 -14.09 -19.70 -4.48
C LEU A 506 -15.11 -19.11 -3.50
N LYS A 507 -15.35 -17.81 -3.64
CA LYS A 507 -16.32 -17.09 -2.84
C LYS A 507 -16.04 -16.92 -1.35
N ASP A 508 -16.12 -18.02 -0.60
CA ASP A 508 -15.90 -17.97 0.86
C ASP A 508 -14.76 -18.86 1.35
N LYS A 509 -13.84 -19.19 0.44
CA LYS A 509 -12.70 -20.03 0.77
C LYS A 509 -11.68 -19.95 -0.37
N ILE A 510 -10.44 -20.36 -0.08
CA ILE A 510 -9.39 -20.34 -1.09
C ILE A 510 -8.59 -21.62 -0.98
N ALA A 511 -8.47 -22.34 -2.09
CA ALA A 511 -7.69 -23.57 -2.11
C ALA A 511 -6.25 -23.22 -2.53
N PHE A 512 -5.29 -23.86 -1.89
CA PHE A 512 -3.87 -23.65 -2.17
C PHE A 512 -3.31 -24.96 -2.68
N LEU A 513 -2.92 -24.99 -3.94
CA LEU A 513 -2.35 -26.20 -4.51
C LEU A 513 -0.91 -25.94 -4.96
N GLY A 514 -0.04 -26.88 -4.65
CA GLY A 514 1.34 -26.75 -5.03
C GLY A 514 1.82 -28.09 -5.51
N SER A 515 2.46 -28.13 -6.68
CA SER A 515 2.95 -29.39 -7.20
C SER A 515 4.30 -29.20 -7.84
N ASN A 516 4.93 -30.32 -8.19
CA ASN A 516 6.21 -30.29 -8.88
C ASN A 516 7.29 -29.62 -8.04
N ILE A 517 7.22 -29.78 -6.74
CA ILE A 517 8.21 -29.16 -5.88
C ILE A 517 9.55 -29.91 -5.99
N GLN A 518 10.58 -29.16 -6.36
CA GLN A 518 11.92 -29.73 -6.53
C GLN A 518 12.98 -28.90 -5.83
N ASN A 519 13.97 -29.59 -5.28
CA ASN A 519 15.05 -28.95 -4.55
C ASN A 519 16.35 -29.61 -4.98
N THR A 520 17.31 -28.81 -5.44
CA THR A 520 18.59 -29.33 -5.87
C THR A 520 19.68 -28.99 -4.88
N SER A 521 19.33 -28.19 -3.88
CA SER A 521 20.26 -27.78 -2.85
C SER A 521 20.23 -28.77 -1.69
N THR A 522 21.02 -28.48 -0.66
CA THR A 522 21.10 -29.34 0.52
C THR A 522 20.26 -28.74 1.63
N ASP A 523 19.78 -27.52 1.39
CA ASP A 523 18.94 -26.82 2.36
C ASP A 523 17.59 -27.51 2.40
N THR A 524 16.90 -27.38 3.53
CA THR A 524 15.60 -27.98 3.69
C THR A 524 14.51 -27.12 3.05
N ALA A 525 13.53 -27.77 2.43
CA ALA A 525 12.43 -27.08 1.76
C ALA A 525 11.10 -27.33 2.45
N ALA A 526 10.31 -26.26 2.60
CA ALA A 526 8.99 -26.36 3.22
C ALA A 526 8.14 -25.17 2.84
N THR A 527 6.82 -25.38 2.90
CA THR A 527 5.84 -24.34 2.60
C THR A 527 5.20 -23.89 3.92
N THR A 528 5.11 -22.58 4.13
CA THR A 528 4.48 -22.03 5.33
C THR A 528 2.99 -21.92 5.05
N ILE A 529 2.20 -22.79 5.68
CA ILE A 529 0.74 -22.76 5.51
C ILE A 529 0.24 -21.46 6.14
N ASP A 530 0.85 -21.08 7.26
CA ASP A 530 0.49 -19.82 7.91
C ASP A 530 1.42 -19.44 9.04
N GLN A 531 1.43 -18.13 9.31
CA GLN A 531 2.19 -17.54 10.40
C GLN A 531 1.27 -16.39 10.81
N ARG A 532 0.34 -16.69 11.72
CA ARG A 532 -0.63 -15.69 12.18
C ARG A 532 -0.19 -15.02 13.47
N LYS A 533 -0.33 -13.69 13.51
CA LYS A 533 0.04 -12.90 14.69
C LYS A 533 -1.12 -13.00 15.67
N LEU A 534 -0.86 -13.50 16.87
CA LEU A 534 -1.90 -13.69 17.87
C LEU A 534 -2.28 -12.47 18.68
N GLU A 535 -3.46 -12.56 19.32
CA GLU A 535 -4.00 -11.52 20.19
C GLU A 535 -4.03 -12.09 21.62
N SER A 536 -3.40 -11.41 22.56
CA SER A 536 -3.40 -11.89 23.94
C SER A 536 -4.81 -11.84 24.51
N SER A 537 -5.68 -11.09 23.83
CA SER A 537 -7.07 -10.94 24.23
C SER A 537 -7.96 -12.05 23.66
N ASN A 538 -7.82 -12.34 22.37
CA ASN A 538 -8.63 -13.38 21.75
C ASN A 538 -7.80 -14.60 21.40
N PRO A 539 -7.36 -15.36 22.42
CA PRO A 539 -6.55 -16.55 22.16
C PRO A 539 -7.33 -17.59 21.36
N TYR A 540 -6.59 -18.45 20.68
CA TYR A 540 -7.16 -19.49 19.85
C TYR A 540 -7.10 -20.84 20.52
N LYS A 541 -8.08 -21.69 20.21
CA LYS A 541 -8.11 -23.05 20.71
C LYS A 541 -7.80 -23.79 19.42
N VAL A 542 -6.71 -24.53 19.40
CA VAL A 542 -6.31 -25.23 18.20
C VAL A 542 -6.78 -26.66 18.13
N TYR A 543 -7.40 -27.01 17.01
CA TYR A 543 -7.88 -28.37 16.83
C TYR A 543 -7.20 -28.98 15.61
N VAL A 544 -6.62 -30.15 15.79
CA VAL A 544 -5.99 -30.87 14.68
C VAL A 544 -6.83 -32.11 14.55
N ASN A 545 -7.38 -32.34 13.37
CA ASN A 545 -8.22 -33.51 13.19
C ASN A 545 -9.34 -33.41 14.22
N ASP A 546 -9.84 -32.19 14.42
CA ASP A 546 -10.93 -31.91 15.36
C ASP A 546 -10.72 -32.32 16.81
N LYS A 547 -9.48 -32.56 17.20
CA LYS A 547 -9.18 -32.94 18.58
C LYS A 547 -8.33 -31.82 19.14
N GLU A 548 -8.70 -31.32 20.31
CA GLU A 548 -7.96 -30.24 20.93
C GLU A 548 -6.46 -30.54 20.99
N ALA A 549 -5.65 -29.55 20.60
CA ALA A 549 -4.20 -29.69 20.63
C ALA A 549 -3.56 -28.54 21.41
N SER A 550 -2.44 -28.84 22.04
CA SER A 550 -1.74 -27.82 22.81
C SER A 550 -0.42 -27.53 22.10
N LEU A 551 -0.30 -26.32 21.57
CA LEU A 551 0.91 -25.94 20.85
C LEU A 551 1.98 -25.37 21.76
N THR A 552 3.24 -25.59 21.39
CA THR A 552 4.39 -25.13 22.15
C THR A 552 5.34 -24.32 21.26
N GLU A 553 6.34 -23.70 21.87
CA GLU A 553 7.31 -22.93 21.11
C GLU A 553 8.08 -23.95 20.28
N GLN A 554 8.19 -25.15 20.83
CA GLN A 554 8.88 -26.26 20.16
C GLN A 554 7.96 -26.78 19.07
N GLU A 555 8.52 -27.03 17.89
CA GLU A 555 7.74 -27.52 16.77
C GLU A 555 7.20 -28.92 17.00
N LYS A 556 5.88 -29.05 17.04
CA LYS A 556 5.23 -30.32 17.23
C LYS A 556 4.87 -30.87 15.84
N ASP A 557 5.04 -32.16 15.63
CA ASP A 557 4.74 -32.75 14.35
C ASP A 557 3.40 -33.49 14.36
N TYR A 558 2.62 -33.30 13.31
CA TYR A 558 1.33 -33.95 13.22
C TYR A 558 1.19 -34.64 11.88
N PRO A 559 1.53 -35.93 11.84
CA PRO A 559 1.40 -36.63 10.56
C PRO A 559 -0.06 -37.03 10.39
N GLU A 560 -0.43 -37.43 9.18
CA GLU A 560 -1.79 -37.85 8.91
C GLU A 560 -2.83 -36.79 9.29
N THR A 561 -2.47 -35.52 9.13
CA THR A 561 -3.37 -34.43 9.47
C THR A 561 -4.36 -34.16 8.33
N GLN A 562 -5.64 -34.20 8.64
CA GLN A 562 -6.68 -33.94 7.66
C GLN A 562 -7.19 -32.52 7.82
N SER A 563 -7.10 -31.98 9.03
CA SER A 563 -7.57 -30.62 9.24
C SER A 563 -6.98 -29.98 10.48
N VAL A 564 -6.97 -28.65 10.47
CA VAL A 564 -6.50 -27.83 11.58
C VAL A 564 -7.51 -26.69 11.72
N PHE A 565 -7.91 -26.40 12.94
CA PHE A 565 -8.88 -25.33 13.17
C PHE A 565 -8.46 -24.40 14.29
N LEU A 566 -8.50 -23.11 13.99
CA LEU A 566 -8.17 -22.09 14.97
C LEU A 566 -9.52 -21.49 15.41
N GLU A 567 -9.87 -21.73 16.67
CA GLU A 567 -11.14 -21.28 17.24
C GLU A 567 -11.02 -20.10 18.19
N SER A 568 -11.72 -19.02 17.85
CA SER A 568 -11.73 -17.81 18.65
C SER A 568 -13.13 -17.66 19.22
N SER A 569 -13.29 -16.74 20.17
CA SER A 569 -14.59 -16.49 20.78
C SER A 569 -15.41 -15.68 19.79
N ASP A 570 -14.70 -15.07 18.83
CA ASP A 570 -15.32 -14.28 17.77
C ASP A 570 -15.17 -15.09 16.48
N SER A 571 -16.28 -15.58 15.94
CA SER A 571 -16.24 -16.39 14.74
C SER A 571 -15.59 -15.68 13.54
N LYS A 572 -15.64 -14.36 13.53
CA LYS A 572 -15.05 -13.56 12.46
C LYS A 572 -13.53 -13.53 12.57
N LYS A 573 -12.97 -14.44 13.36
CA LYS A 573 -11.52 -14.52 13.55
C LYS A 573 -11.06 -15.97 13.41
N ASN A 574 -12.01 -16.85 13.19
CA ASN A 574 -11.71 -18.27 13.03
C ASN A 574 -11.04 -18.55 11.69
N ILE A 575 -10.14 -19.53 11.67
CA ILE A 575 -9.47 -19.92 10.43
C ILE A 575 -9.32 -21.43 10.42
N GLY A 576 -9.83 -22.06 9.37
CA GLY A 576 -9.69 -23.50 9.24
C GLY A 576 -8.82 -23.87 8.04
N TYR A 577 -8.17 -25.03 8.11
CA TYR A 577 -7.34 -25.52 7.03
C TYR A 577 -7.70 -26.99 6.83
N PHE A 578 -8.28 -27.29 5.67
CA PHE A 578 -8.67 -28.64 5.34
C PHE A 578 -7.69 -29.16 4.29
N PHE A 579 -6.97 -30.23 4.62
CA PHE A 579 -6.02 -30.82 3.69
C PHE A 579 -6.69 -31.89 2.85
N PHE A 580 -6.82 -31.64 1.55
CA PHE A 580 -7.49 -32.58 0.68
C PHE A 580 -7.03 -34.02 0.90
N LYS A 581 -5.75 -34.20 1.22
CA LYS A 581 -5.19 -35.52 1.52
C LYS A 581 -4.38 -35.42 2.81
N LYS A 582 -4.53 -36.39 3.69
CA LYS A 582 -3.81 -36.39 4.96
C LYS A 582 -2.35 -36.05 4.73
N SER A 583 -1.89 -34.96 5.35
CA SER A 583 -0.51 -34.52 5.19
C SER A 583 0.23 -34.41 6.51
N SER A 584 1.56 -34.40 6.43
CA SER A 584 2.41 -34.27 7.60
C SER A 584 2.80 -32.80 7.77
N ILE A 585 2.23 -32.18 8.79
CA ILE A 585 2.50 -30.78 9.05
C ILE A 585 3.09 -30.65 10.45
N SER A 586 3.66 -29.49 10.74
CA SER A 586 4.21 -29.24 12.07
C SER A 586 3.70 -27.87 12.50
N MET A 587 3.49 -27.67 13.79
CA MET A 587 2.97 -26.39 14.27
C MET A 587 3.69 -25.95 15.52
N SER A 588 3.66 -24.65 15.76
CA SER A 588 4.28 -24.09 16.94
C SER A 588 3.72 -22.70 17.19
N LYS A 589 3.73 -22.30 18.45
CA LYS A 589 3.25 -20.98 18.85
C LYS A 589 4.42 -20.42 19.63
N ALA A 590 4.91 -19.24 19.26
CA ALA A 590 6.05 -18.68 19.95
C ALA A 590 6.12 -17.17 19.89
N LEU A 591 6.77 -16.61 20.89
CA LEU A 591 6.97 -15.16 20.99
C LEU A 591 8.14 -14.84 20.09
N GLN A 592 7.95 -13.86 19.22
CA GLN A 592 8.99 -13.46 18.30
C GLN A 592 9.29 -12.00 18.55
N LYS A 593 10.57 -11.68 18.73
CA LYS A 593 10.97 -10.30 19.01
C LYS A 593 11.77 -9.70 17.86
N GLY A 594 11.79 -8.38 17.80
CA GLY A 594 12.52 -7.70 16.75
C GLY A 594 12.40 -6.20 16.91
N ALA A 595 13.07 -5.46 16.05
CA ALA A 595 13.02 -4.02 16.12
C ALA A 595 12.76 -3.51 14.73
N TRP A 596 12.26 -2.29 14.62
CA TRP A 596 11.99 -1.75 13.30
C TRP A 596 13.31 -1.44 12.59
N LYS A 597 14.35 -1.13 13.35
CA LYS A 597 15.64 -0.82 12.75
C LYS A 597 16.17 -2.03 12.00
N ASP A 598 15.78 -3.21 12.44
CA ASP A 598 16.21 -4.44 11.79
C ASP A 598 15.82 -4.50 10.31
N ILE A 599 14.72 -3.85 9.96
CA ILE A 599 14.25 -3.87 8.58
C ILE A 599 14.28 -2.50 7.90
N ASN A 600 14.61 -1.48 8.66
CA ASN A 600 14.69 -0.12 8.13
C ASN A 600 15.68 0.66 9.00
N GLU A 601 16.88 0.83 8.47
CA GLU A 601 17.97 1.51 9.17
C GLU A 601 17.54 2.79 9.87
N GLY A 602 16.68 3.56 9.22
CA GLY A 602 16.23 4.80 9.81
C GLY A 602 15.18 4.65 10.89
N GLN A 603 14.76 3.42 11.19
CA GLN A 603 13.74 3.20 12.22
C GLN A 603 14.32 3.03 13.62
N SER A 604 13.42 2.87 14.59
CA SER A 604 13.80 2.72 15.98
C SER A 604 14.34 1.36 16.37
N ASP A 605 15.35 1.40 17.22
CA ASP A 605 16.02 0.21 17.74
C ASP A 605 15.23 -0.43 18.89
N LYS A 606 14.21 0.27 19.37
CA LYS A 606 13.39 -0.26 20.47
C LYS A 606 12.84 -1.63 20.11
N GLU A 607 12.96 -2.57 21.04
CA GLU A 607 12.49 -3.94 20.84
C GLU A 607 10.96 -4.08 20.85
N VAL A 608 10.45 -4.85 19.90
CA VAL A 608 9.04 -5.10 19.75
C VAL A 608 8.84 -6.62 19.82
N GLU A 609 7.65 -7.09 20.18
CA GLU A 609 7.44 -8.53 20.23
C GLU A 609 5.98 -8.87 20.05
N ASN A 610 5.72 -10.04 19.48
CA ASN A 610 4.37 -10.50 19.23
C ASN A 610 4.44 -12.02 19.20
N GLU A 611 3.30 -12.67 19.42
CA GLU A 611 3.24 -14.12 19.37
C GLU A 611 2.68 -14.49 18.01
N PHE A 612 3.19 -15.58 17.44
CA PHE A 612 2.75 -16.04 16.13
C PHE A 612 2.48 -17.54 16.17
N LEU A 613 1.49 -17.99 15.39
CA LEU A 613 1.18 -19.41 15.32
C LEU A 613 1.69 -19.81 13.94
N THR A 614 2.65 -20.72 13.89
CA THR A 614 3.23 -21.13 12.62
C THR A 614 2.88 -22.57 12.26
N ILE A 615 2.38 -22.73 11.03
CA ILE A 615 2.01 -24.03 10.48
C ILE A 615 2.81 -24.18 9.19
N SER A 616 3.39 -25.35 8.98
CA SER A 616 4.18 -25.56 7.77
C SER A 616 4.25 -27.04 7.39
N GLN A 617 4.57 -27.29 6.13
CA GLN A 617 4.67 -28.65 5.59
C GLN A 617 6.02 -28.83 4.89
N ALA A 618 6.79 -29.82 5.31
CA ALA A 618 8.10 -30.07 4.71
C ALA A 618 8.02 -30.92 3.46
N HIS A 619 8.95 -30.67 2.54
CA HIS A 619 9.02 -31.40 1.28
C HIS A 619 10.40 -32.06 1.18
N LYS A 620 10.49 -33.32 1.60
CA LYS A 620 11.76 -34.04 1.58
C LYS A 620 11.99 -34.92 0.35
N GLN A 621 11.29 -34.63 -0.74
CA GLN A 621 11.43 -35.43 -1.96
C GLN A 621 11.11 -34.61 -3.21
N ASN A 622 11.73 -34.98 -4.33
CA ASN A 622 11.47 -34.28 -5.57
C ASN A 622 10.11 -34.75 -6.07
N GLY A 623 9.32 -33.83 -6.60
CA GLY A 623 8.00 -34.18 -7.09
C GLY A 623 7.02 -34.19 -5.93
N ASP A 624 7.22 -33.30 -4.98
CA ASP A 624 6.34 -33.20 -3.83
C ASP A 624 5.23 -32.22 -4.14
N SER A 625 4.28 -32.08 -3.22
CA SER A 625 3.15 -31.19 -3.40
C SER A 625 2.41 -30.90 -2.09
N TYR A 626 1.45 -29.99 -2.17
CA TYR A 626 0.64 -29.65 -1.01
C TYR A 626 -0.71 -29.26 -1.56
N GLY A 627 -1.74 -29.41 -0.74
CA GLY A 627 -3.09 -29.09 -1.18
C GLY A 627 -4.00 -28.96 0.02
N TYR A 628 -4.44 -27.74 0.27
CA TYR A 628 -5.31 -27.48 1.39
C TYR A 628 -6.26 -26.34 1.06
N MET A 629 -7.40 -26.35 1.73
CA MET A 629 -8.42 -25.33 1.56
C MET A 629 -8.44 -24.45 2.80
N LEU A 630 -8.41 -23.13 2.60
CA LEU A 630 -8.46 -22.20 3.73
C LEU A 630 -9.92 -21.73 3.87
N ILE A 631 -10.50 -21.94 5.06
CA ILE A 631 -11.89 -21.55 5.33
C ILE A 631 -12.00 -20.64 6.56
N PRO A 632 -12.11 -19.32 6.34
CA PRO A 632 -12.23 -18.34 7.43
C PRO A 632 -13.66 -17.95 7.83
N ASN A 633 -13.77 -17.33 9.01
CA ASN A 633 -15.03 -16.81 9.53
C ASN A 633 -16.23 -17.75 9.72
N VAL A 634 -15.99 -19.04 9.99
CA VAL A 634 -17.08 -19.98 10.25
C VAL A 634 -16.78 -20.63 11.58
N ASP A 635 -17.81 -21.09 12.29
CA ASP A 635 -17.59 -21.72 13.57
C ASP A 635 -17.16 -23.17 13.38
N ARG A 636 -16.66 -23.78 14.44
CA ARG A 636 -16.17 -25.15 14.37
C ARG A 636 -17.11 -26.16 13.71
N ALA A 637 -18.36 -26.18 14.15
CA ALA A 637 -19.35 -27.12 13.61
C ALA A 637 -19.61 -26.92 12.12
N THR A 638 -19.64 -25.69 11.66
CA THR A 638 -19.85 -25.43 10.23
C THR A 638 -18.59 -25.91 9.48
N PHE A 639 -17.41 -25.61 10.02
CA PHE A 639 -16.16 -26.01 9.40
C PHE A 639 -16.17 -27.52 9.20
N ASN A 640 -16.47 -28.26 10.25
CA ASN A 640 -16.51 -29.71 10.16
C ASN A 640 -17.52 -30.15 9.10
N GLN A 641 -18.58 -29.39 8.95
CA GLN A 641 -19.60 -29.71 7.96
C GLN A 641 -19.04 -29.49 6.55
N MET A 642 -18.41 -28.33 6.36
CA MET A 642 -17.85 -27.96 5.07
C MET A 642 -16.80 -28.91 4.51
N ILE A 643 -15.90 -29.40 5.37
CA ILE A 643 -14.87 -30.29 4.86
C ILE A 643 -15.46 -31.62 4.42
N LYS A 644 -16.63 -31.94 4.93
CA LYS A 644 -17.29 -33.18 4.53
C LYS A 644 -17.74 -33.01 3.09
N GLU A 645 -18.20 -31.81 2.74
CA GLU A 645 -18.65 -31.54 1.38
C GLU A 645 -17.46 -31.41 0.43
N LEU A 646 -16.39 -30.79 0.91
CA LEU A 646 -15.19 -30.56 0.13
C LEU A 646 -14.24 -31.76 0.08
N GLU A 647 -14.66 -32.85 0.70
CA GLU A 647 -13.83 -34.05 0.74
C GLU A 647 -13.52 -34.61 -0.66
N SER A 648 -14.21 -34.09 -1.68
CA SER A 648 -13.99 -34.54 -3.05
C SER A 648 -13.82 -33.37 -4.02
N SER A 649 -13.50 -32.20 -3.48
CA SER A 649 -13.32 -31.01 -4.29
C SER A 649 -12.02 -30.98 -5.10
N LEU A 650 -11.00 -31.72 -4.67
CA LEU A 650 -9.73 -31.75 -5.40
C LEU A 650 -9.91 -32.54 -6.69
N ILE A 651 -9.87 -31.85 -7.82
CA ILE A 651 -10.02 -32.54 -9.11
C ILE A 651 -8.69 -33.14 -9.52
N GLU A 652 -7.61 -32.36 -9.35
CA GLU A 652 -6.28 -32.80 -9.72
C GLU A 652 -5.19 -31.84 -9.24
N ASN A 653 -4.00 -32.37 -9.02
CA ASN A 653 -2.86 -31.58 -8.59
C ASN A 653 -1.51 -32.24 -8.93
N ASN A 654 -1.09 -32.11 -10.18
CA ASN A 654 0.21 -32.67 -10.59
C ASN A 654 1.03 -31.63 -11.36
N GLU A 655 2.07 -32.09 -12.05
CA GLU A 655 2.97 -31.21 -12.79
C GLU A 655 2.43 -30.46 -14.02
N THR A 656 1.32 -30.94 -14.59
CA THR A 656 0.75 -30.29 -15.77
C THR A 656 -0.65 -29.69 -15.55
N LEU A 657 -1.34 -30.15 -14.51
CA LEU A 657 -2.70 -29.66 -14.24
C LEU A 657 -3.12 -29.62 -12.77
N GLN A 658 -3.72 -28.51 -12.37
CA GLN A 658 -4.20 -28.32 -11.01
C GLN A 658 -5.63 -27.81 -11.07
N SER A 659 -6.54 -28.45 -10.33
CA SER A 659 -7.94 -28.05 -10.34
C SER A 659 -8.77 -28.42 -9.12
N VAL A 660 -9.56 -27.46 -8.65
CA VAL A 660 -10.42 -27.65 -7.51
C VAL A 660 -11.85 -27.40 -7.99
N TYR A 661 -12.81 -28.17 -7.50
CA TYR A 661 -14.21 -28.01 -7.91
C TYR A 661 -15.13 -27.71 -6.74
N ASP A 662 -15.92 -26.63 -6.88
CA ASP A 662 -16.87 -26.19 -5.86
C ASP A 662 -18.27 -26.65 -6.29
N ALA A 663 -18.68 -27.83 -5.84
CA ALA A 663 -19.97 -28.39 -6.21
C ALA A 663 -21.19 -27.53 -5.80
N LYS A 664 -21.13 -26.91 -4.63
CA LYS A 664 -22.22 -26.07 -4.15
C LYS A 664 -22.48 -24.93 -5.12
N GLN A 665 -21.39 -24.43 -5.71
CA GLN A 665 -21.47 -23.31 -6.64
C GLN A 665 -21.52 -23.72 -8.10
N GLY A 666 -20.99 -24.90 -8.40
CA GLY A 666 -20.93 -25.33 -9.78
C GLY A 666 -19.82 -24.54 -10.46
N VAL A 667 -18.72 -24.35 -9.74
CA VAL A 667 -17.58 -23.60 -10.24
C VAL A 667 -16.28 -24.40 -10.23
N TRP A 668 -15.49 -24.24 -11.29
CA TRP A 668 -14.21 -24.92 -11.45
C TRP A 668 -13.08 -23.92 -11.56
N GLY A 669 -11.97 -24.22 -10.90
CA GLY A 669 -10.79 -23.38 -10.98
C GLY A 669 -9.81 -24.32 -11.62
N ILE A 670 -9.15 -23.92 -12.71
CA ILE A 670 -8.23 -24.81 -13.40
C ILE A 670 -6.96 -24.11 -13.90
N VAL A 671 -5.81 -24.75 -13.68
CA VAL A 671 -4.56 -24.19 -14.16
C VAL A 671 -3.86 -25.28 -14.99
N LYS A 672 -3.62 -24.97 -16.27
CA LYS A 672 -2.96 -25.91 -17.18
C LYS A 672 -1.57 -25.40 -17.53
N TYR A 673 -0.56 -26.26 -17.39
CA TYR A 673 0.81 -25.87 -17.69
C TYR A 673 1.23 -26.29 -19.10
N ASP A 674 0.42 -27.13 -19.75
CA ASP A 674 0.73 -27.59 -21.10
C ASP A 674 -0.52 -27.56 -21.99
N ASP A 675 -0.33 -27.76 -23.28
CA ASP A 675 -1.42 -27.71 -24.25
C ASP A 675 -2.15 -29.03 -24.54
N SER A 676 -2.07 -29.98 -23.61
CA SER A 676 -2.76 -31.26 -23.80
C SER A 676 -4.25 -31.06 -23.54
N VAL A 677 -5.06 -32.06 -23.89
CA VAL A 677 -6.50 -31.95 -23.67
C VAL A 677 -6.83 -32.54 -22.31
N SER A 678 -7.50 -31.74 -21.48
CA SER A 678 -7.87 -32.18 -20.14
C SER A 678 -9.38 -32.25 -20.00
N THR A 679 -9.87 -33.43 -19.66
CA THR A 679 -11.29 -33.61 -19.47
C THR A 679 -11.56 -33.41 -17.99
N ILE A 680 -12.46 -32.49 -17.68
CA ILE A 680 -12.77 -32.17 -16.29
C ILE A 680 -14.15 -32.65 -15.89
N SER A 681 -14.21 -33.42 -14.81
CA SER A 681 -15.46 -33.95 -14.27
C SER A 681 -16.37 -34.64 -15.28
N ASN A 682 -15.77 -35.18 -16.34
CA ASN A 682 -16.53 -35.85 -17.38
C ASN A 682 -17.68 -34.96 -17.86
N GLN A 683 -17.38 -33.68 -18.08
CA GLN A 683 -18.38 -32.72 -18.54
C GLN A 683 -17.88 -31.88 -19.71
N PHE A 684 -16.65 -31.37 -19.59
CA PHE A 684 -16.08 -30.55 -20.63
C PHE A 684 -14.59 -30.85 -20.73
N GLN A 685 -13.93 -30.13 -21.62
CA GLN A 685 -12.49 -30.30 -21.83
C GLN A 685 -11.84 -28.93 -21.99
N VAL A 686 -10.68 -28.75 -21.35
CA VAL A 686 -9.94 -27.51 -21.45
C VAL A 686 -8.75 -27.85 -22.35
N LEU A 687 -8.42 -26.95 -23.27
CA LEU A 687 -7.39 -27.22 -24.25
C LEU A 687 -6.09 -26.43 -24.30
N LYS A 688 -5.97 -25.36 -23.52
CA LYS A 688 -4.75 -24.56 -23.60
C LYS A 688 -4.06 -24.20 -22.29
N ARG A 689 -2.75 -24.06 -22.38
CA ARG A 689 -1.91 -23.67 -21.24
C ARG A 689 -2.54 -22.37 -20.74
N GLY A 690 -2.64 -22.19 -19.43
CA GLY A 690 -3.24 -20.96 -18.92
C GLY A 690 -4.10 -21.15 -17.67
N VAL A 691 -4.83 -20.09 -17.30
CA VAL A 691 -5.67 -20.11 -16.11
C VAL A 691 -7.17 -19.97 -16.40
N TYR A 692 -7.97 -20.86 -15.83
CA TYR A 692 -9.42 -20.85 -16.06
C TYR A 692 -10.29 -20.78 -14.79
N THR A 693 -11.48 -20.23 -14.95
CA THR A 693 -12.47 -20.18 -13.88
C THR A 693 -13.78 -20.32 -14.66
N ILE A 694 -14.43 -21.47 -14.46
CA ILE A 694 -15.67 -21.81 -15.16
C ILE A 694 -16.84 -22.03 -14.21
N ARG A 695 -18.02 -21.62 -14.65
CA ARG A 695 -19.24 -21.79 -13.88
C ARG A 695 -20.29 -22.43 -14.75
N LYS A 696 -20.86 -23.52 -14.27
CA LYS A 696 -21.91 -24.19 -15.01
C LYS A 696 -23.21 -23.56 -14.57
N GLU A 697 -23.97 -23.04 -15.54
CA GLU A 697 -25.25 -22.42 -15.26
C GLU A 697 -26.28 -23.16 -16.09
N GLY A 698 -26.92 -24.16 -15.48
CA GLY A 698 -27.88 -24.95 -16.22
C GLY A 698 -27.10 -25.84 -17.16
N ASP A 699 -27.40 -25.75 -18.45
CA ASP A 699 -26.69 -26.56 -19.43
C ASP A 699 -25.62 -25.70 -20.10
N GLU A 700 -25.56 -24.44 -19.71
CA GLU A 700 -24.59 -23.49 -20.24
C GLU A 700 -23.37 -23.36 -19.35
N TYR A 701 -22.26 -22.90 -19.92
CA TYR A 701 -21.02 -22.72 -19.19
C TYR A 701 -20.51 -21.30 -19.33
N LYS A 702 -20.11 -20.69 -18.22
CA LYS A 702 -19.57 -19.35 -18.22
C LYS A 702 -18.06 -19.58 -18.14
N ILE A 703 -17.28 -18.97 -19.02
CA ILE A 703 -15.84 -19.18 -19.01
C ILE A 703 -14.99 -17.93 -18.87
N ALA A 704 -13.93 -18.03 -18.08
CA ALA A 704 -12.98 -16.93 -17.88
C ALA A 704 -11.61 -17.54 -18.10
N TYR A 705 -11.00 -17.24 -19.25
CA TYR A 705 -9.68 -17.76 -19.57
C TYR A 705 -8.65 -16.66 -19.67
N TYR A 706 -7.47 -16.94 -19.13
CA TYR A 706 -6.40 -15.98 -19.15
C TYR A 706 -5.06 -16.63 -19.39
N ASN A 707 -4.33 -16.11 -20.37
CA ASN A 707 -2.99 -16.60 -20.67
C ASN A 707 -2.06 -15.58 -20.04
N PRO A 708 -1.42 -15.94 -18.92
CA PRO A 708 -0.51 -15.03 -18.22
C PRO A 708 0.70 -14.60 -19.04
N GLU A 709 1.25 -15.51 -19.85
CA GLU A 709 2.43 -15.19 -20.66
C GLU A 709 2.21 -14.06 -21.66
N THR A 710 1.16 -14.19 -22.47
CA THR A 710 0.84 -13.16 -23.46
C THR A 710 -0.08 -12.10 -22.86
N GLN A 711 -0.60 -12.37 -21.67
CA GLN A 711 -1.48 -11.41 -21.02
C GLN A 711 -2.73 -11.20 -21.88
N GLU A 712 -3.32 -12.29 -22.34
CA GLU A 712 -4.49 -12.21 -23.17
C GLU A 712 -5.53 -13.27 -22.84
N SER A 713 -6.78 -12.96 -23.17
CA SER A 713 -7.84 -13.92 -22.98
C SER A 713 -7.79 -14.70 -24.29
N ALA A 714 -8.92 -15.22 -24.75
CA ALA A 714 -8.95 -15.97 -26.00
C ALA A 714 -10.35 -16.42 -26.33
N PRO A 715 -10.63 -16.66 -27.62
CA PRO A 715 -11.98 -17.12 -27.97
C PRO A 715 -12.22 -18.46 -27.28
N ASP A 716 -13.44 -18.64 -26.79
CA ASP A 716 -13.83 -19.86 -26.08
C ASP A 716 -13.45 -21.16 -26.78
N GLN A 717 -13.77 -21.25 -28.08
CA GLN A 717 -13.50 -22.46 -28.84
C GLN A 717 -12.04 -22.88 -28.90
N GLU A 718 -11.14 -21.96 -28.61
CA GLU A 718 -9.72 -22.30 -28.64
C GLU A 718 -9.30 -22.97 -27.34
N VAL A 719 -9.98 -22.63 -26.25
CA VAL A 719 -9.62 -23.16 -24.94
C VAL A 719 -10.61 -24.09 -24.23
N PHE A 720 -11.85 -24.10 -24.68
CA PHE A 720 -12.90 -24.89 -24.03
C PHE A 720 -13.79 -25.67 -24.98
N LYS A 721 -13.97 -26.96 -24.70
CA LYS A 721 -14.82 -27.83 -25.50
C LYS A 721 -15.78 -28.62 -24.59
N LYS A 722 -17.08 -28.36 -24.72
CA LYS A 722 -18.07 -29.06 -23.92
C LYS A 722 -18.10 -30.53 -24.35
N LEU A 723 -18.13 -31.45 -23.40
CA LEU A 723 -18.16 -32.88 -23.73
C LEU A 723 -19.61 -33.33 -23.86
#